data_5O1U
#
_entry.id   5O1U
#
_cell.length_a   55.310
_cell.length_b   106.790
_cell.length_c   134.120
_cell.angle_alpha   90.00
_cell.angle_beta   90.00
_cell.angle_gamma   90.00
#
_symmetry.space_group_name_H-M   'P 21 21 21'
#
loop_
_entity.id
_entity.type
_entity.pdbx_description
1 polymer Phosphodiesterase
2 non-polymer 'MANGANESE (II) ION'
3 non-polymer 'ADENOSINE MONOPHOSPHATE'
4 non-polymer 'CALCIUM ION'
5 non-polymer 1,2-ETHANEDIOL
6 water water
#
_entity_poly.entity_id   1
_entity_poly.type   'polypeptide(L)'
_entity_poly.pdbx_seq_one_letter_code
;GSGSGMDEIVKVLSQHDRILVVGHIMPDGDCVSSVLSLTLGLEKLGKEVKAAVDYKIPYVFEKFPYIDKIEENPNFDPEL
LVVVDASSPDRIGKFQDLLDKVPSVVIDHHSTNTNFGNWNWVDPSFAATAQMIFRINKALGVEYDSNLATLNYLGIATDT
GFFRHSNADVRVFEDAYKLVKMGADAHFVAKEILENKRFEQFKLFAEVLERLQLLENGKIAYSYIDYDTYLRHNCTDEDS
AGFVGELRSIRGVEVAVLFMEFPRGKIHVSMRSKDWFNVNEVAFELGGGGHPRAAGVTFEGKKIEEVIPRVINHLLKKFK
EGVESESEKIPEGDVLGG
;
_entity_poly.pdbx_strand_id   A,B
#
loop_
_chem_comp.id
_chem_comp.type
_chem_comp.name
_chem_comp.formula
AMP non-polymer 'ADENOSINE MONOPHOSPHATE' 'C10 H14 N5 O7 P'
CA non-polymer 'CALCIUM ION' 'Ca 2'
EDO non-polymer 1,2-ETHANEDIOL 'C2 H6 O2'
MN non-polymer 'MANGANESE (II) ION' 'Mn 2'
#
# COMPACT_ATOMS: atom_id res chain seq x y z
N SER A 4 -1.42 -12.66 31.86
CA SER A 4 -2.00 -11.34 31.59
C SER A 4 -1.06 -10.45 30.76
N GLY A 5 0.22 -10.41 31.13
CA GLY A 5 1.23 -9.75 30.32
C GLY A 5 2.02 -10.75 29.48
N MET A 6 2.92 -10.22 28.66
CA MET A 6 3.69 -11.08 27.76
C MET A 6 4.58 -12.05 28.53
N ASP A 7 5.23 -11.57 29.61
CA ASP A 7 6.15 -12.44 30.35
C ASP A 7 5.45 -13.69 30.87
N GLU A 8 4.25 -13.53 31.43
CA GLU A 8 3.52 -14.69 31.92
C GLU A 8 3.15 -15.62 30.77
N ILE A 9 2.78 -15.05 29.61
CA ILE A 9 2.44 -15.86 28.44
C ILE A 9 3.66 -16.66 27.99
N VAL A 10 4.82 -16.00 27.90
CA VAL A 10 6.03 -16.68 27.49
C VAL A 10 6.34 -17.84 28.44
N LYS A 11 6.13 -17.63 29.74
CA LYS A 11 6.40 -18.69 30.71
C LYS A 11 5.46 -19.87 30.50
N VAL A 12 4.17 -19.60 30.26
CA VAL A 12 3.20 -20.67 30.01
C VAL A 12 3.58 -21.44 28.74
N LEU A 13 3.94 -20.72 27.67
CA LEU A 13 4.35 -21.38 26.43
C LEU A 13 5.55 -22.29 26.65
N SER A 14 6.50 -21.86 27.48
CA SER A 14 7.67 -22.67 27.75
CA SER A 14 7.67 -22.66 27.75
C SER A 14 7.34 -23.92 28.55
N GLN A 15 6.27 -23.88 29.35
CA GLN A 15 5.93 -25.01 30.22
C GLN A 15 5.23 -26.15 29.49
N HIS A 16 4.79 -25.96 28.25
CA HIS A 16 4.04 -26.96 27.52
C HIS A 16 4.78 -27.32 26.24
N ASP A 17 4.76 -28.62 25.89
CA ASP A 17 5.47 -29.13 24.73
C ASP A 17 4.56 -29.62 23.61
N ARG A 18 3.27 -29.75 23.86
CA ARG A 18 2.30 -30.17 22.84
C ARG A 18 1.26 -29.07 22.77
N ILE A 19 1.28 -28.29 21.69
CA ILE A 19 0.55 -27.03 21.63
C ILE A 19 -0.24 -26.96 20.32
N LEU A 20 -1.51 -26.57 20.42
CA LEU A 20 -2.34 -26.28 19.25
C LEU A 20 -2.54 -24.76 19.15
N VAL A 21 -2.11 -24.17 18.01
CA VAL A 21 -2.29 -22.74 17.77
C VAL A 21 -3.48 -22.54 16.82
N VAL A 22 -4.43 -21.69 17.22
CA VAL A 22 -5.68 -21.54 16.49
C VAL A 22 -5.91 -20.05 16.19
N GLY A 23 -6.32 -19.75 14.95
CA GLY A 23 -6.69 -18.41 14.55
C GLY A 23 -8.19 -18.29 14.32
N HIS A 24 -8.61 -17.11 13.82
CA HIS A 24 -10.04 -16.84 13.70
C HIS A 24 -10.60 -17.26 12.35
N ILE A 25 -11.90 -17.57 12.35
CA ILE A 25 -12.61 -17.86 11.11
C ILE A 25 -12.63 -16.61 10.24
N MET A 26 -12.81 -16.85 8.93
CA MET A 26 -12.72 -15.85 7.87
C MET A 26 -11.35 -15.21 8.06
N PRO A 27 -10.29 -16.04 7.99
CA PRO A 27 -8.94 -15.55 8.35
C PRO A 27 -8.49 -14.43 7.43
N ASP A 28 -7.71 -13.52 8.00
CA ASP A 28 -7.10 -12.44 7.26
C ASP A 28 -5.57 -12.64 7.33
N GLY A 29 -4.81 -11.69 6.81
CA GLY A 29 -3.36 -11.83 6.78
C GLY A 29 -2.76 -11.89 8.17
N ASP A 30 -3.29 -11.08 9.10
CA ASP A 30 -2.79 -11.10 10.47
C ASP A 30 -3.04 -12.45 11.13
N CYS A 31 -4.19 -13.07 10.85
CA CYS A 31 -4.48 -14.40 11.39
C CYS A 31 -3.48 -15.43 10.88
N VAL A 32 -3.32 -15.51 9.55
CA VAL A 32 -2.35 -16.44 8.95
C VAL A 32 -0.96 -16.16 9.48
N SER A 33 -0.58 -14.88 9.51
CA SER A 33 0.75 -14.48 9.95
C SER A 33 1.01 -14.88 11.40
N SER A 34 0.07 -14.58 12.29
CA SER A 34 0.24 -14.89 13.71
C SER A 34 0.24 -16.38 13.96
N VAL A 35 -0.67 -17.12 13.32
CA VAL A 35 -0.75 -18.56 13.53
C VAL A 35 0.56 -19.22 13.10
N LEU A 36 1.04 -18.91 11.90
CA LEU A 36 2.23 -19.59 11.39
C LEU A 36 3.48 -19.09 12.07
N SER A 37 3.55 -17.80 12.39
CA SER A 37 4.75 -17.29 13.03
C SER A 37 4.92 -17.90 14.42
N LEU A 38 3.82 -18.01 15.18
CA LEU A 38 3.94 -18.61 16.53
C LEU A 38 4.19 -20.11 16.43
N THR A 39 3.50 -20.78 15.52
CA THR A 39 3.72 -22.22 15.34
C THR A 39 5.19 -22.52 15.02
N LEU A 40 5.75 -21.83 14.04
CA LEU A 40 7.13 -22.11 13.64
C LEU A 40 8.11 -21.71 14.73
N GLY A 41 7.81 -20.64 15.48
CA GLY A 41 8.70 -20.25 16.56
C GLY A 41 8.74 -21.30 17.66
N LEU A 42 7.57 -21.80 18.06
CA LEU A 42 7.50 -22.82 19.10
C LEU A 42 8.17 -24.11 18.67
N GLU A 43 8.06 -24.45 17.38
CA GLU A 43 8.73 -25.62 16.86
C GLU A 43 10.25 -25.51 16.97
N LYS A 44 10.79 -24.29 16.90
CA LYS A 44 12.23 -24.15 17.02
C LYS A 44 12.72 -24.46 18.42
N LEU A 45 11.84 -24.40 19.43
CA LEU A 45 12.17 -24.90 20.77
C LEU A 45 12.02 -26.40 20.88
N GLY A 46 11.79 -27.10 19.76
CA GLY A 46 11.63 -28.53 19.79
C GLY A 46 10.24 -29.03 20.18
N LYS A 47 9.28 -28.13 20.34
CA LYS A 47 7.94 -28.53 20.74
C LYS A 47 7.17 -29.11 19.55
N GLU A 48 6.16 -29.91 19.85
CA GLU A 48 5.27 -30.45 18.84
C GLU A 48 4.05 -29.55 18.75
N VAL A 49 3.88 -28.90 17.61
CA VAL A 49 2.91 -27.82 17.45
C VAL A 49 2.07 -28.10 16.21
N LYS A 50 0.77 -27.97 16.33
CA LYS A 50 -0.11 -27.97 15.17
C LYS A 50 -0.82 -26.62 15.07
N ALA A 51 -1.24 -26.29 13.85
CA ALA A 51 -1.85 -24.99 13.55
C ALA A 51 -3.18 -25.23 12.86
N ALA A 52 -4.19 -24.46 13.24
CA ALA A 52 -5.52 -24.76 12.75
C ALA A 52 -6.36 -23.50 12.66
N VAL A 53 -7.23 -23.47 11.66
CA VAL A 53 -8.26 -22.46 11.47
C VAL A 53 -9.46 -23.19 10.92
N ASP A 54 -10.64 -22.95 11.50
CA ASP A 54 -11.85 -23.66 11.08
C ASP A 54 -12.53 -22.93 9.93
N TYR A 55 -11.80 -22.86 8.81
CA TYR A 55 -12.25 -22.10 7.65
C TYR A 55 -11.28 -22.35 6.51
N LYS A 56 -11.77 -22.19 5.28
CA LYS A 56 -10.90 -22.29 4.11
C LYS A 56 -9.83 -21.20 4.14
N ILE A 57 -8.59 -21.58 3.89
CA ILE A 57 -7.53 -20.58 3.74
C ILE A 57 -7.68 -19.91 2.38
N PRO A 58 -7.73 -18.58 2.31
CA PRO A 58 -7.89 -17.91 1.01
C PRO A 58 -6.77 -18.27 0.03
N TYR A 59 -7.13 -18.24 -1.26
CA TYR A 59 -6.18 -18.58 -2.32
C TYR A 59 -4.92 -17.71 -2.27
N VAL A 60 -5.05 -16.43 -1.92
CA VAL A 60 -3.90 -15.54 -1.94
C VAL A 60 -2.80 -15.93 -0.96
N PHE A 61 -3.04 -16.88 -0.05
CA PHE A 61 -1.97 -17.32 0.84
C PHE A 61 -1.27 -18.59 0.35
N GLU A 62 -1.68 -19.14 -0.79
CA GLU A 62 -1.27 -20.52 -1.06
C GLU A 62 0.20 -20.67 -1.48
N LYS A 63 0.89 -19.57 -1.78
CA LYS A 63 2.31 -19.65 -2.10
C LYS A 63 3.20 -19.24 -0.93
N PHE A 64 2.63 -18.90 0.21
CA PHE A 64 3.42 -18.53 1.36
C PHE A 64 4.11 -19.76 1.94
N PRO A 65 5.34 -19.63 2.42
CA PRO A 65 6.02 -20.79 3.01
C PRO A 65 5.25 -21.35 4.21
N TYR A 66 5.15 -22.68 4.25
CA TYR A 66 4.56 -23.44 5.35
C TYR A 66 3.05 -23.23 5.48
N ILE A 67 2.38 -22.69 4.45
CA ILE A 67 0.94 -22.43 4.56
C ILE A 67 0.18 -23.74 4.80
N ASP A 68 0.72 -24.86 4.32
CA ASP A 68 0.08 -26.15 4.51
C ASP A 68 0.08 -26.61 5.96
N LYS A 69 0.86 -25.96 6.83
CA LYS A 69 0.81 -26.28 8.26
C LYS A 69 -0.51 -25.88 8.91
N ILE A 70 -1.26 -24.94 8.33
CA ILE A 70 -2.56 -24.59 8.89
C ILE A 70 -3.59 -25.64 8.49
N GLU A 71 -4.12 -26.35 9.47
CA GLU A 71 -5.08 -27.40 9.21
C GLU A 71 -6.50 -26.94 9.51
N GLU A 72 -7.45 -27.59 8.84
CA GLU A 72 -8.86 -27.44 9.13
C GLU A 72 -9.35 -28.45 10.16
N ASN A 73 -8.84 -29.68 10.12
CA ASN A 73 -9.30 -30.76 10.99
C ASN A 73 -8.13 -31.47 11.64
N PRO A 74 -7.40 -30.80 12.52
CA PRO A 74 -6.23 -31.43 13.15
C PRO A 74 -6.65 -32.55 14.09
N ASN A 75 -5.91 -33.65 14.04
CA ASN A 75 -6.11 -34.75 14.97
C ASN A 75 -4.93 -34.72 15.93
N PHE A 76 -5.19 -34.34 17.17
CA PHE A 76 -4.14 -33.88 18.06
C PHE A 76 -4.72 -33.82 19.47
N ASP A 77 -3.86 -34.12 20.45
CA ASP A 77 -4.24 -34.09 21.86
C ASP A 77 -3.34 -33.08 22.56
N PRO A 78 -3.59 -31.78 22.37
CA PRO A 78 -2.66 -30.77 22.88
C PRO A 78 -2.74 -30.62 24.40
N GLU A 79 -1.61 -30.21 24.99
CA GLU A 79 -1.58 -29.84 26.39
C GLU A 79 -2.00 -28.39 26.60
N LEU A 80 -1.92 -27.60 25.54
CA LEU A 80 -2.12 -26.17 25.61
C LEU A 80 -2.75 -25.70 24.31
N LEU A 81 -3.72 -24.82 24.42
CA LEU A 81 -4.37 -24.17 23.28
C LEU A 81 -3.96 -22.70 23.26
N VAL A 82 -3.49 -22.21 22.11
CA VAL A 82 -3.13 -20.82 21.98
C VAL A 82 -3.99 -20.23 20.88
N VAL A 83 -4.78 -19.23 21.23
CA VAL A 83 -5.71 -18.57 20.33
C VAL A 83 -5.14 -17.20 20.02
N VAL A 84 -4.99 -16.89 18.73
CA VAL A 84 -4.37 -15.62 18.33
C VAL A 84 -5.35 -14.83 17.49
N ASP A 85 -5.37 -13.51 17.72
CA ASP A 85 -6.05 -12.54 16.86
C ASP A 85 -7.56 -12.73 16.87
N ALA A 86 -8.11 -13.34 17.93
CA ALA A 86 -9.53 -13.66 18.00
C ALA A 86 -10.11 -13.04 19.26
N SER A 87 -11.12 -12.20 19.07
CA SER A 87 -11.72 -11.44 20.16
C SER A 87 -12.74 -12.14 21.05
N SER A 88 -13.28 -13.26 20.60
CA SER A 88 -14.27 -13.97 21.41
C SER A 88 -14.31 -15.42 20.97
N PRO A 89 -14.86 -16.32 21.80
CA PRO A 89 -14.88 -17.76 21.44
C PRO A 89 -15.55 -18.07 20.11
N ASP A 90 -16.63 -17.36 19.79
CA ASP A 90 -17.34 -17.59 18.52
CA ASP A 90 -17.33 -17.61 18.52
C ASP A 90 -16.41 -17.43 17.32
N ARG A 91 -15.36 -16.64 17.50
CA ARG A 91 -14.48 -16.27 16.40
C ARG A 91 -13.56 -17.40 15.99
N ILE A 92 -13.41 -18.43 16.81
CA ILE A 92 -12.58 -19.57 16.44
C ILE A 92 -13.41 -20.78 16.03
N GLY A 93 -14.71 -20.60 15.80
CA GLY A 93 -15.53 -21.70 15.31
C GLY A 93 -15.50 -22.87 16.26
N LYS A 94 -15.38 -24.08 15.69
CA LYS A 94 -15.52 -25.31 16.46
C LYS A 94 -14.45 -25.46 17.53
N PHE A 95 -13.31 -24.76 17.39
CA PHE A 95 -12.26 -24.93 18.39
C PHE A 95 -12.62 -24.28 19.71
N GLN A 96 -13.72 -23.52 19.77
CA GLN A 96 -14.18 -23.05 21.06
C GLN A 96 -14.61 -24.21 21.95
N ASP A 97 -14.96 -25.36 21.35
CA ASP A 97 -15.27 -26.57 22.11
C ASP A 97 -14.10 -27.05 22.96
N LEU A 98 -12.89 -26.58 22.68
CA LEU A 98 -11.70 -26.93 23.46
C LEU A 98 -11.52 -26.07 24.70
N LEU A 99 -12.19 -24.92 24.77
CA LEU A 99 -12.08 -24.07 25.95
C LEU A 99 -12.62 -24.80 27.17
N ASP A 100 -11.93 -24.64 28.30
CA ASP A 100 -12.26 -25.34 29.54
C ASP A 100 -12.08 -26.85 29.45
N LYS A 101 -11.49 -27.36 28.36
CA LYS A 101 -11.01 -28.72 28.26
C LYS A 101 -9.51 -28.79 28.06
N VAL A 102 -8.94 -27.83 27.34
CA VAL A 102 -7.50 -27.68 27.23
C VAL A 102 -7.18 -26.30 27.76
N PRO A 103 -6.26 -26.16 28.71
CA PRO A 103 -5.86 -24.83 29.19
C PRO A 103 -5.49 -23.96 27.99
N SER A 104 -5.86 -22.68 28.04
CA SER A 104 -5.73 -21.85 26.86
C SER A 104 -5.09 -20.51 27.16
N VAL A 105 -4.34 -20.03 26.18
CA VAL A 105 -3.72 -18.72 26.15
C VAL A 105 -4.39 -17.94 25.03
N VAL A 106 -4.75 -16.69 25.29
CA VAL A 106 -5.26 -15.77 24.28
C VAL A 106 -4.21 -14.68 24.08
N ILE A 107 -3.84 -14.44 22.81
CA ILE A 107 -2.96 -13.33 22.42
C ILE A 107 -3.72 -12.51 21.37
N ASP A 108 -4.02 -11.24 21.67
CA ASP A 108 -4.90 -10.48 20.80
C ASP A 108 -4.71 -8.99 20.98
N HIS A 109 -5.15 -8.22 19.97
CA HIS A 109 -5.04 -6.77 19.98
C HIS A 109 -6.41 -6.08 19.84
N HIS A 110 -7.50 -6.80 20.07
CA HIS A 110 -8.83 -6.19 19.97
C HIS A 110 -9.29 -5.61 21.29
N SER A 111 -9.76 -4.36 21.29
CA SER A 111 -10.23 -3.76 22.52
C SER A 111 -11.44 -4.49 23.07
N THR A 112 -12.20 -5.16 22.20
CA THR A 112 -13.42 -5.84 22.58
C THR A 112 -13.21 -7.28 23.04
N ASN A 113 -11.95 -7.71 23.16
CA ASN A 113 -11.65 -9.10 23.52
C ASN A 113 -12.29 -9.47 24.86
N THR A 114 -12.99 -10.59 24.89
CA THR A 114 -13.76 -10.94 26.07
C THR A 114 -12.92 -11.61 27.16
N ASN A 115 -11.62 -11.79 26.93
CA ASN A 115 -10.71 -12.43 27.90
C ASN A 115 -11.15 -13.85 28.24
N PHE A 116 -11.34 -14.66 27.21
CA PHE A 116 -11.91 -15.98 27.37
C PHE A 116 -10.88 -17.07 27.60
N GLY A 117 -9.59 -16.74 27.62
CA GLY A 117 -8.58 -17.75 27.90
C GLY A 117 -8.34 -17.91 29.40
N ASN A 118 -7.62 -18.98 29.76
CA ASN A 118 -7.08 -19.08 31.11
C ASN A 118 -6.00 -18.03 31.35
N TRP A 119 -5.21 -17.71 30.33
CA TRP A 119 -4.29 -16.59 30.33
C TRP A 119 -4.61 -15.72 29.11
N ASN A 120 -4.62 -14.40 29.31
CA ASN A 120 -4.99 -13.47 28.24
C ASN A 120 -4.00 -12.31 28.20
N TRP A 121 -3.30 -12.15 27.08
CA TRP A 121 -2.50 -10.94 26.85
C TRP A 121 -3.18 -10.20 25.71
N VAL A 122 -3.90 -9.13 26.04
CA VAL A 122 -4.66 -8.33 25.06
C VAL A 122 -4.17 -6.90 25.16
N ASP A 123 -3.65 -6.38 24.05
CA ASP A 123 -3.09 -5.03 24.03
C ASP A 123 -3.53 -4.36 22.73
N PRO A 124 -4.59 -3.54 22.77
CA PRO A 124 -5.08 -2.88 21.55
C PRO A 124 -4.15 -1.81 21.00
N SER A 125 -3.05 -1.48 21.67
CA SER A 125 -2.11 -0.51 21.09
C SER A 125 -1.30 -1.12 19.94
N PHE A 126 -1.32 -2.43 19.75
CA PHE A 126 -0.67 -3.05 18.61
C PHE A 126 -1.57 -3.00 17.38
N ALA A 127 -0.98 -2.60 16.24
CA ALA A 127 -1.71 -2.61 14.98
C ALA A 127 -2.04 -4.02 14.51
N ALA A 128 -1.24 -5.01 14.91
CA ALA A 128 -1.43 -6.37 14.43
C ALA A 128 -1.03 -7.36 15.54
N THR A 129 -1.77 -8.47 15.65
CA THR A 129 -1.33 -9.54 16.54
C THR A 129 0.06 -10.02 16.16
N ALA A 130 0.40 -9.95 14.87
CA ALA A 130 1.74 -10.38 14.43
C ALA A 130 2.85 -9.65 15.17
N GLN A 131 2.61 -8.40 15.58
CA GLN A 131 3.62 -7.68 16.35
C GLN A 131 3.81 -8.30 17.74
N MET A 132 2.71 -8.75 18.33
CA MET A 132 2.79 -9.44 19.62
C MET A 132 3.53 -10.78 19.48
N ILE A 133 3.26 -11.51 18.40
CA ILE A 133 3.93 -12.78 18.18
C ILE A 133 5.43 -12.57 17.97
N PHE A 134 5.79 -11.52 17.24
CA PHE A 134 7.19 -11.16 17.03
C PHE A 134 7.91 -10.99 18.37
N ARG A 135 7.29 -10.25 19.30
CA ARG A 135 7.89 -10.06 20.61
C ARG A 135 7.94 -11.35 21.41
N ILE A 136 6.93 -12.20 21.26
CA ILE A 136 6.92 -13.47 21.98
C ILE A 136 8.03 -14.37 21.46
N ASN A 137 8.19 -14.44 20.14
CA ASN A 137 9.24 -15.28 19.57
C ASN A 137 10.61 -14.82 20.03
N LYS A 138 10.84 -13.49 20.06
CA LYS A 138 12.12 -12.99 20.55
C LYS A 138 12.32 -13.35 22.01
N ALA A 139 11.28 -13.24 22.84
CA ALA A 139 11.42 -13.56 24.25
C ALA A 139 11.66 -15.06 24.46
N LEU A 140 11.11 -15.91 23.59
CA LEU A 140 11.39 -17.33 23.70
C LEU A 140 12.80 -17.69 23.25
N GLY A 141 13.50 -16.76 22.59
CA GLY A 141 14.85 -17.02 22.10
C GLY A 141 14.91 -17.57 20.71
N VAL A 142 13.87 -17.39 19.92
CA VAL A 142 13.79 -17.90 18.56
C VAL A 142 14.66 -17.04 17.66
N GLU A 143 15.35 -17.67 16.72
CA GLU A 143 16.10 -16.97 15.69
C GLU A 143 15.31 -17.04 14.38
N TYR A 144 15.17 -15.90 13.72
CA TYR A 144 14.41 -15.79 12.48
C TYR A 144 15.28 -16.12 11.27
N ASP A 145 14.73 -16.90 10.34
CA ASP A 145 15.24 -16.91 8.98
C ASP A 145 14.31 -16.08 8.10
N SER A 146 14.64 -16.00 6.80
CA SER A 146 13.87 -15.11 5.93
C SER A 146 12.44 -15.61 5.72
N ASN A 147 12.20 -16.92 5.75
CA ASN A 147 10.82 -17.38 5.62
C ASN A 147 9.98 -16.98 6.83
N LEU A 148 10.53 -17.11 8.04
CA LEU A 148 9.78 -16.70 9.22
C LEU A 148 9.60 -15.19 9.26
N ALA A 149 10.62 -14.43 8.87
CA ALA A 149 10.48 -12.98 8.80
C ALA A 149 9.38 -12.58 7.83
N THR A 150 9.33 -13.23 6.67
CA THR A 150 8.27 -12.94 5.71
C THR A 150 6.91 -13.25 6.31
N LEU A 151 6.80 -14.41 6.97
CA LEU A 151 5.53 -14.81 7.57
C LEU A 151 5.10 -13.85 8.67
N ASN A 152 6.06 -13.34 9.46
CA ASN A 152 5.71 -12.40 10.51
C ASN A 152 5.44 -11.00 9.96
N TYR A 153 6.11 -10.62 8.87
CA TYR A 153 5.85 -9.32 8.23
C TYR A 153 4.43 -9.25 7.68
N LEU A 154 3.92 -10.37 7.15
CA LEU A 154 2.61 -10.40 6.50
C LEU A 154 1.51 -9.74 7.34
N GLY A 155 1.44 -10.08 8.63
CA GLY A 155 0.33 -9.59 9.43
C GLY A 155 0.45 -8.11 9.73
N ILE A 156 1.67 -7.63 9.90
CA ILE A 156 1.87 -6.20 10.08
C ILE A 156 1.46 -5.44 8.84
N ALA A 157 1.79 -6.01 7.67
CA ALA A 157 1.42 -5.35 6.42
C ALA A 157 -0.09 -5.33 6.23
N THR A 158 -0.76 -6.48 6.41
CA THR A 158 -2.19 -6.50 6.06
C THR A 158 -3.04 -5.74 7.08
N ASP A 159 -2.70 -5.84 8.36
CA ASP A 159 -3.50 -5.14 9.36
C ASP A 159 -3.37 -3.62 9.33
N THR A 160 -2.29 -3.13 8.76
CA THR A 160 -2.13 -1.69 8.53
C THR A 160 -2.57 -1.28 7.13
N GLY A 161 -3.16 -2.19 6.36
CA GLY A 161 -3.52 -1.87 4.99
C GLY A 161 -2.32 -1.52 4.13
N PHE A 162 -1.21 -2.23 4.35
CA PHE A 162 0.08 -1.94 3.74
C PHE A 162 0.48 -0.49 4.01
N PHE A 163 0.51 -0.18 5.31
CA PHE A 163 1.06 1.06 5.88
C PHE A 163 0.24 2.28 5.52
N ARG A 164 -1.05 2.08 5.26
CA ARG A 164 -1.93 3.20 4.96
C ARG A 164 -2.87 3.56 6.08
N HIS A 165 -3.23 2.61 6.95
CA HIS A 165 -4.20 2.90 8.01
C HIS A 165 -3.57 3.78 9.10
N SER A 166 -4.42 4.43 9.89
CA SER A 166 -3.93 5.32 10.94
C SER A 166 -3.28 4.57 12.10
N ASN A 167 -3.33 3.25 12.12
CA ASN A 167 -2.65 2.49 13.17
C ASN A 167 -1.17 2.23 12.85
N ALA A 168 -0.69 2.67 11.69
CA ALA A 168 0.72 2.48 11.29
C ALA A 168 1.59 3.54 11.97
N ASP A 169 1.94 3.28 13.24
CA ASP A 169 2.74 4.21 14.04
C ASP A 169 4.23 3.83 13.99
N VAL A 170 5.04 4.51 14.81
CA VAL A 170 6.49 4.31 14.75
C VAL A 170 6.86 2.86 15.09
N ARG A 171 6.15 2.25 16.03
CA ARG A 171 6.43 0.87 16.39
C ARG A 171 6.14 -0.07 15.22
N VAL A 172 5.10 0.21 14.44
CA VAL A 172 4.82 -0.58 13.24
C VAL A 172 5.99 -0.49 12.27
N PHE A 173 6.47 0.73 12.01
CA PHE A 173 7.57 0.87 11.06
C PHE A 173 8.87 0.31 11.62
N GLU A 174 9.10 0.41 12.93
CA GLU A 174 10.25 -0.25 13.52
C GLU A 174 10.20 -1.75 13.29
N ASP A 175 9.03 -2.37 13.55
CA ASP A 175 8.93 -3.82 13.38
C ASP A 175 9.13 -4.21 11.93
N ALA A 176 8.55 -3.44 11.00
CA ALA A 176 8.68 -3.76 9.59
C ALA A 176 10.14 -3.68 9.17
N TYR A 177 10.82 -2.62 9.59
CA TYR A 177 12.25 -2.48 9.29
C TYR A 177 13.03 -3.69 9.80
N LYS A 178 12.81 -4.08 11.07
CA LYS A 178 13.61 -5.15 11.66
CA LYS A 178 13.59 -5.16 11.67
C LYS A 178 13.33 -6.48 10.95
N LEU A 179 12.08 -6.73 10.55
CA LEU A 179 11.78 -7.97 9.85
C LEU A 179 12.37 -7.98 8.44
N VAL A 180 12.33 -6.85 7.74
CA VAL A 180 12.92 -6.81 6.41
C VAL A 180 14.44 -6.99 6.50
N LYS A 181 15.05 -6.37 7.51
CA LYS A 181 16.47 -6.60 7.78
C LYS A 181 16.79 -8.08 7.93
N MET A 182 15.85 -8.85 8.49
CA MET A 182 16.03 -10.29 8.67
C MET A 182 15.60 -11.09 7.46
N GLY A 183 15.29 -10.44 6.35
CA GLY A 183 14.99 -11.15 5.13
C GLY A 183 13.53 -11.23 4.73
N ALA A 184 12.63 -10.55 5.44
CA ALA A 184 11.21 -10.54 5.00
C ALA A 184 11.09 -9.99 3.58
N ASP A 185 10.36 -10.72 2.75
CA ASP A 185 10.22 -10.35 1.33
C ASP A 185 8.97 -9.51 1.17
N ALA A 186 9.13 -8.19 1.37
CA ALA A 186 7.98 -7.28 1.34
C ALA A 186 7.31 -7.25 -0.03
N HIS A 187 8.09 -7.42 -1.09
CA HIS A 187 7.54 -7.38 -2.43
C HIS A 187 6.74 -8.64 -2.74
N PHE A 188 7.23 -9.80 -2.30
CA PHE A 188 6.49 -11.04 -2.48
C PHE A 188 5.14 -10.97 -1.80
N VAL A 189 5.13 -10.45 -0.57
CA VAL A 189 3.88 -10.38 0.20
C VAL A 189 2.88 -9.48 -0.51
N ALA A 190 3.33 -8.31 -0.97
CA ALA A 190 2.40 -7.38 -1.61
C ALA A 190 1.81 -7.98 -2.88
N LYS A 191 2.65 -8.68 -3.67
CA LYS A 191 2.16 -9.23 -4.93
C LYS A 191 1.18 -10.38 -4.71
N GLU A 192 1.47 -11.27 -3.76
CA GLU A 192 0.55 -12.39 -3.52
C GLU A 192 -0.80 -11.87 -3.03
N ILE A 193 -0.79 -10.89 -2.14
CA ILE A 193 -2.03 -10.41 -1.54
C ILE A 193 -2.78 -9.47 -2.49
N LEU A 194 -2.06 -8.56 -3.17
CA LEU A 194 -2.69 -7.44 -3.87
C LEU A 194 -2.66 -7.55 -5.39
N GLU A 195 -1.87 -8.45 -5.96
CA GLU A 195 -1.78 -8.49 -7.43
C GLU A 195 -2.18 -9.85 -7.94
N ASN A 196 -3.31 -10.34 -7.41
CA ASN A 196 -3.85 -11.66 -7.65
C ASN A 196 -5.32 -11.58 -8.06
N LYS A 197 -5.72 -10.50 -8.73
CA LYS A 197 -7.13 -10.22 -8.99
C LYS A 197 -7.64 -10.99 -10.20
N ARG A 198 -8.73 -11.73 -10.01
CA ARG A 198 -9.42 -12.34 -11.13
C ARG A 198 -10.20 -11.27 -11.91
N PHE A 199 -10.38 -11.50 -13.22
CA PHE A 199 -11.18 -10.57 -14.00
C PHE A 199 -12.59 -10.45 -13.42
N GLU A 200 -13.16 -11.58 -13.01
CA GLU A 200 -14.48 -11.59 -12.38
C GLU A 200 -14.54 -10.65 -11.18
N GLN A 201 -13.42 -10.44 -10.50
CA GLN A 201 -13.40 -9.50 -9.37
C GLN A 201 -13.79 -8.09 -9.83
N PHE A 202 -13.38 -7.70 -11.03
CA PHE A 202 -13.70 -6.37 -11.54
C PHE A 202 -15.16 -6.27 -11.92
N LYS A 203 -15.71 -7.36 -12.47
CA LYS A 203 -17.13 -7.36 -12.81
C LYS A 203 -17.99 -7.30 -11.56
N LEU A 204 -17.59 -8.03 -10.50
CA LEU A 204 -18.32 -7.98 -9.25
C LEU A 204 -18.29 -6.58 -8.65
N PHE A 205 -17.13 -5.93 -8.65
CA PHE A 205 -17.03 -4.60 -8.04
C PHE A 205 -17.89 -3.58 -8.79
N ALA A 206 -18.08 -3.78 -10.09
CA ALA A 206 -18.92 -2.87 -10.86
C ALA A 206 -20.37 -2.90 -10.37
N GLU A 207 -20.87 -4.09 -10.03
CA GLU A 207 -22.22 -4.14 -9.49
C GLU A 207 -22.27 -3.60 -8.07
N VAL A 208 -21.18 -3.72 -7.30
CA VAL A 208 -21.08 -3.02 -6.02
C VAL A 208 -21.21 -1.52 -6.24
N LEU A 209 -20.54 -1.01 -7.26
CA LEU A 209 -20.63 0.42 -7.57
C LEU A 209 -22.03 0.78 -8.01
N GLU A 210 -22.69 -0.10 -8.77
CA GLU A 210 -24.04 0.19 -9.21
C GLU A 210 -25.03 0.29 -8.04
N ARG A 211 -24.77 -0.42 -6.94
CA ARG A 211 -25.62 -0.37 -5.77
C ARG A 211 -25.17 0.66 -4.74
N LEU A 212 -24.07 1.37 -4.98
CA LEU A 212 -23.49 2.23 -3.96
C LEU A 212 -24.44 3.37 -3.61
N GLN A 213 -24.52 3.68 -2.32
CA GLN A 213 -25.26 4.82 -1.80
C GLN A 213 -24.33 5.68 -0.95
N LEU A 214 -24.47 7.00 -1.08
CA LEU A 214 -23.73 7.94 -0.27
C LEU A 214 -24.68 8.69 0.64
N LEU A 215 -24.29 8.86 1.88
CA LEU A 215 -25.12 9.50 2.88
C LEU A 215 -24.32 10.60 3.54
N GLU A 216 -25.02 11.52 4.19
CA GLU A 216 -24.38 12.57 4.96
C GLU A 216 -23.38 13.34 4.11
N ASN A 217 -23.89 13.83 2.97
CA ASN A 217 -23.12 14.67 2.07
C ASN A 217 -21.84 13.98 1.63
N GLY A 218 -21.96 12.68 1.30
CA GLY A 218 -20.82 11.96 0.79
C GLY A 218 -19.84 11.44 1.83
N LYS A 219 -20.13 11.61 3.13
CA LYS A 219 -19.24 11.12 4.18
C LYS A 219 -19.42 9.64 4.46
N ILE A 220 -20.56 9.06 4.08
CA ILE A 220 -20.86 7.65 4.33
C ILE A 220 -21.14 6.99 3.00
N ALA A 221 -20.48 5.87 2.74
CA ALA A 221 -20.70 5.09 1.53
C ALA A 221 -21.06 3.66 1.95
N TYR A 222 -22.12 3.12 1.38
CA TYR A 222 -22.39 1.71 1.61
C TYR A 222 -22.92 1.06 0.34
N SER A 223 -22.68 -0.24 0.24
CA SER A 223 -23.22 -1.06 -0.83
C SER A 223 -23.43 -2.47 -0.29
N TYR A 224 -23.88 -3.37 -1.16
CA TYR A 224 -24.15 -4.74 -0.73
C TYR A 224 -23.93 -5.71 -1.88
N ILE A 225 -23.58 -6.95 -1.53
CA ILE A 225 -23.57 -8.06 -2.47
C ILE A 225 -24.43 -9.18 -1.89
N ASP A 226 -25.54 -9.49 -2.56
CA ASP A 226 -26.34 -10.64 -2.16
C ASP A 226 -25.70 -11.93 -2.67
N TYR A 227 -26.09 -13.05 -2.07
CA TYR A 227 -25.46 -14.34 -2.39
C TYR A 227 -25.60 -14.69 -3.86
N ASP A 228 -26.79 -14.47 -4.43
CA ASP A 228 -27.01 -14.79 -5.84
C ASP A 228 -26.12 -13.96 -6.77
N THR A 229 -25.68 -12.78 -6.32
CA THR A 229 -24.79 -11.98 -7.16
C THR A 229 -23.37 -12.54 -7.16
N TYR A 230 -22.91 -13.07 -6.02
CA TYR A 230 -21.65 -13.82 -6.02
C TYR A 230 -21.67 -14.94 -7.04
N LEU A 231 -22.77 -15.72 -7.07
CA LEU A 231 -22.86 -16.85 -7.99
C LEU A 231 -22.92 -16.37 -9.43
N ARG A 232 -23.64 -15.27 -9.68
CA ARG A 232 -23.79 -14.76 -11.04
C ARG A 232 -22.44 -14.38 -11.65
N HIS A 233 -21.48 -13.97 -10.82
CA HIS A 233 -20.17 -13.56 -11.30
C HIS A 233 -19.09 -14.59 -11.00
N ASN A 234 -19.47 -15.79 -10.57
CA ASN A 234 -18.50 -16.85 -10.30
C ASN A 234 -17.46 -16.39 -9.27
N CYS A 235 -17.94 -15.79 -8.18
CA CYS A 235 -17.09 -15.24 -7.14
C CYS A 235 -17.53 -15.74 -5.76
N THR A 236 -16.62 -15.59 -4.81
CA THR A 236 -16.87 -15.87 -3.40
C THR A 236 -16.47 -14.65 -2.58
N ASP A 237 -16.59 -14.78 -1.25
CA ASP A 237 -16.11 -13.74 -0.35
C ASP A 237 -14.61 -13.47 -0.51
N GLU A 238 -13.85 -14.41 -1.07
CA GLU A 238 -12.44 -14.10 -1.32
C GLU A 238 -12.28 -13.00 -2.36
N ASP A 239 -13.19 -12.95 -3.34
CA ASP A 239 -13.06 -11.97 -4.43
C ASP A 239 -13.38 -10.55 -3.96
N SER A 240 -14.21 -10.40 -2.93
CA SER A 240 -14.66 -9.08 -2.46
C SER A 240 -13.83 -8.53 -1.31
N ALA A 241 -12.70 -9.19 -0.99
CA ALA A 241 -12.00 -8.97 0.29
C ALA A 241 -11.48 -7.55 0.45
N GLY A 242 -11.05 -6.91 -0.63
CA GLY A 242 -10.56 -5.55 -0.56
C GLY A 242 -11.58 -4.50 -0.95
N PHE A 243 -12.85 -4.88 -1.14
CA PHE A 243 -13.82 -3.97 -1.73
C PHE A 243 -14.16 -2.81 -0.80
N VAL A 244 -14.24 -3.07 0.51
CA VAL A 244 -14.66 -2.00 1.40
C VAL A 244 -13.56 -0.96 1.50
N GLY A 245 -12.29 -1.38 1.41
CA GLY A 245 -11.22 -0.42 1.32
C GLY A 245 -11.30 0.42 0.06
N GLU A 246 -11.70 -0.19 -1.07
CA GLU A 246 -11.83 0.58 -2.30
CA GLU A 246 -11.83 0.59 -2.29
C GLU A 246 -12.93 1.63 -2.17
N LEU A 247 -14.00 1.32 -1.42
CA LEU A 247 -15.05 2.31 -1.22
C LEU A 247 -14.58 3.45 -0.34
N ARG A 248 -13.77 3.14 0.69
CA ARG A 248 -13.22 4.19 1.53
C ARG A 248 -12.25 5.10 0.78
N SER A 249 -11.65 4.63 -0.30
CA SER A 249 -10.72 5.46 -1.05
CA SER A 249 -10.72 5.46 -1.05
C SER A 249 -11.41 6.54 -1.87
N ILE A 250 -12.75 6.59 -1.90
CA ILE A 250 -13.44 7.66 -2.59
C ILE A 250 -13.22 8.96 -1.83
N ARG A 251 -12.95 10.03 -2.57
CA ARG A 251 -12.69 11.33 -1.98
C ARG A 251 -13.87 11.78 -1.14
N GLY A 252 -13.57 12.25 0.09
CA GLY A 252 -14.58 12.75 0.99
C GLY A 252 -15.28 11.70 1.84
N VAL A 253 -15.09 10.40 1.57
CA VAL A 253 -15.76 9.37 2.36
C VAL A 253 -15.05 9.19 3.70
N GLU A 254 -15.81 9.28 4.79
CA GLU A 254 -15.25 9.03 6.12
C GLU A 254 -15.46 7.59 6.56
N VAL A 255 -16.60 6.99 6.23
CA VAL A 255 -16.83 5.59 6.60
C VAL A 255 -17.48 4.87 5.42
N ALA A 256 -16.93 3.69 5.09
CA ALA A 256 -17.46 2.82 4.06
C ALA A 256 -17.96 1.54 4.71
N VAL A 257 -19.08 1.02 4.20
CA VAL A 257 -19.74 -0.15 4.75
C VAL A 257 -20.16 -1.06 3.61
N LEU A 258 -19.85 -2.35 3.73
CA LEU A 258 -20.20 -3.32 2.69
C LEU A 258 -20.94 -4.49 3.32
N PHE A 259 -22.17 -4.73 2.86
CA PHE A 259 -22.96 -5.87 3.29
C PHE A 259 -22.75 -7.01 2.29
N MET A 260 -22.43 -8.19 2.79
CA MET A 260 -22.04 -9.31 1.93
C MET A 260 -22.72 -10.58 2.43
N GLU A 261 -23.54 -11.19 1.57
CA GLU A 261 -24.23 -12.43 1.90
C GLU A 261 -23.46 -13.56 1.24
N PHE A 262 -22.76 -14.35 2.04
CA PHE A 262 -22.02 -15.49 1.52
C PHE A 262 -21.59 -16.41 2.67
N PRO A 263 -21.97 -17.69 2.64
CA PRO A 263 -22.92 -18.28 1.70
C PRO A 263 -24.34 -17.83 2.01
N ARG A 264 -25.34 -18.51 1.45
CA ARG A 264 -26.73 -18.08 1.62
C ARG A 264 -27.08 -17.98 3.10
N GLY A 265 -27.73 -16.87 3.47
CA GLY A 265 -28.21 -16.68 4.81
C GLY A 265 -27.19 -16.22 5.82
N LYS A 266 -25.93 -15.99 5.41
CA LYS A 266 -24.91 -15.42 6.26
C LYS A 266 -24.56 -14.04 5.73
N ILE A 267 -24.66 -13.02 6.59
CA ILE A 267 -24.42 -11.63 6.20
C ILE A 267 -23.28 -11.08 7.05
N HIS A 268 -22.21 -10.72 6.35
CA HIS A 268 -21.09 -10.13 6.99
C HIS A 268 -21.11 -8.66 6.67
N VAL A 269 -21.01 -7.84 7.70
CA VAL A 269 -21.01 -6.42 7.48
C VAL A 269 -19.64 -5.85 7.75
N SER A 270 -18.96 -5.43 6.70
CA SER A 270 -17.63 -4.80 6.83
CA SER A 270 -17.62 -4.79 6.84
C SER A 270 -17.53 -3.20 6.84
N MET A 271 -16.89 -2.73 7.90
CA MET A 271 -16.73 -1.29 8.10
C MET A 271 -15.30 -0.77 8.17
N ARG A 272 -15.05 0.33 7.49
CA ARG A 272 -13.74 0.96 7.46
C ARG A 272 -13.91 2.47 7.53
N SER A 273 -13.20 3.11 8.44
CA SER A 273 -13.29 4.56 8.56
C SER A 273 -11.91 5.20 8.38
N LYS A 274 -11.94 6.49 8.04
CA LYS A 274 -10.75 7.19 7.54
C LYS A 274 -10.08 8.01 8.62
N ASP A 275 -10.76 9.04 9.15
CA ASP A 275 -10.11 9.99 10.05
C ASP A 275 -10.53 9.90 11.51
N TRP A 276 -11.81 9.64 11.83
CA TRP A 276 -12.21 9.83 13.23
C TRP A 276 -13.31 8.91 13.76
N PHE A 277 -14.13 8.32 12.88
CA PHE A 277 -15.33 7.62 13.33
C PHE A 277 -14.99 6.23 13.87
N ASN A 278 -15.41 5.95 15.10
CA ASN A 278 -15.05 4.70 15.78
C ASN A 278 -16.03 3.61 15.34
N VAL A 279 -15.66 2.88 14.28
CA VAL A 279 -16.55 1.84 13.79
C VAL A 279 -16.57 0.62 14.72
N ASN A 280 -15.58 0.48 15.62
CA ASN A 280 -15.63 -0.62 16.58
C ASN A 280 -16.80 -0.46 17.54
N GLU A 281 -17.15 0.77 17.88
CA GLU A 281 -18.31 0.97 18.74
C GLU A 281 -19.59 0.51 18.05
N VAL A 282 -19.77 0.90 16.78
CA VAL A 282 -20.97 0.49 16.04
C VAL A 282 -21.03 -1.03 15.94
N ALA A 283 -19.94 -1.65 15.50
CA ALA A 283 -19.96 -3.09 15.29
C ALA A 283 -20.16 -3.83 16.60
N PHE A 284 -19.51 -3.37 17.67
CA PHE A 284 -19.66 -4.02 18.97
C PHE A 284 -21.11 -3.97 19.45
N GLU A 285 -21.74 -2.80 19.34
CA GLU A 285 -23.11 -2.66 19.79
C GLU A 285 -24.07 -3.51 18.96
N LEU A 286 -23.67 -3.92 17.76
CA LEU A 286 -24.49 -4.77 16.91
C LEU A 286 -24.18 -6.24 17.06
N GLY A 287 -23.22 -6.60 17.90
CA GLY A 287 -22.85 -7.99 18.11
C GLY A 287 -21.53 -8.41 17.52
N GLY A 288 -20.77 -7.46 16.97
CA GLY A 288 -19.49 -7.78 16.38
C GLY A 288 -18.35 -7.15 17.16
N GLY A 289 -17.35 -6.65 16.43
CA GLY A 289 -16.20 -6.02 17.06
C GLY A 289 -15.14 -5.62 16.07
N GLY A 290 -13.97 -5.26 16.58
CA GLY A 290 -12.88 -4.84 15.73
C GLY A 290 -12.05 -3.72 16.31
N HIS A 291 -11.64 -2.80 15.45
CA HIS A 291 -10.80 -1.68 15.83
C HIS A 291 -11.45 -0.35 15.56
N PRO A 292 -10.86 0.74 16.06
CA PRO A 292 -11.50 2.05 15.84
C PRO A 292 -11.70 2.40 14.38
N ARG A 293 -10.85 1.92 13.47
CA ARG A 293 -11.01 2.26 12.06
C ARG A 293 -11.36 1.07 11.18
N ALA A 294 -11.50 -0.11 11.76
CA ALA A 294 -11.84 -1.31 11.00
C ALA A 294 -12.59 -2.28 11.90
N ALA A 295 -13.83 -2.57 11.54
CA ALA A 295 -14.64 -3.46 12.35
C ALA A 295 -15.68 -4.19 11.52
N GLY A 296 -16.26 -5.23 12.12
CA GLY A 296 -17.26 -6.02 11.44
C GLY A 296 -18.22 -6.75 12.36
N VAL A 297 -19.29 -7.25 11.74
CA VAL A 297 -20.32 -7.98 12.44
C VAL A 297 -20.91 -8.98 11.46
N THR A 298 -21.24 -10.17 11.94
CA THR A 298 -21.80 -11.21 11.10
C THR A 298 -23.17 -11.65 11.61
N PHE A 299 -24.13 -11.76 10.71
CA PHE A 299 -25.47 -12.20 11.04
C PHE A 299 -25.79 -13.49 10.30
N GLU A 300 -26.62 -14.33 10.91
CA GLU A 300 -27.08 -15.53 10.23
C GLU A 300 -28.56 -15.74 10.53
N GLY A 301 -29.26 -16.31 9.55
CA GLY A 301 -30.70 -16.44 9.66
C GLY A 301 -31.46 -15.16 9.53
N LYS A 302 -30.79 -14.06 9.18
CA LYS A 302 -31.42 -12.76 9.01
C LYS A 302 -31.51 -12.43 7.54
N LYS A 303 -32.48 -11.59 7.22
CA LYS A 303 -32.74 -11.19 5.85
C LYS A 303 -31.97 -9.90 5.58
N ILE A 304 -31.30 -9.84 4.43
CA ILE A 304 -30.45 -8.68 4.15
C ILE A 304 -31.30 -7.41 4.09
N GLU A 305 -32.56 -7.52 3.65
CA GLU A 305 -33.40 -6.34 3.54
C GLU A 305 -33.85 -5.79 4.90
N GLU A 306 -33.70 -6.58 5.97
CA GLU A 306 -33.92 -6.04 7.31
C GLU A 306 -32.61 -5.67 7.99
N VAL A 307 -31.50 -6.33 7.63
CA VAL A 307 -30.20 -6.01 8.22
C VAL A 307 -29.72 -4.63 7.77
N ILE A 308 -29.84 -4.31 6.47
CA ILE A 308 -29.28 -3.06 5.97
C ILE A 308 -29.91 -1.84 6.63
N PRO A 309 -31.24 -1.67 6.66
CA PRO A 309 -31.78 -0.44 7.29
C PRO A 309 -31.45 -0.32 8.77
N ARG A 310 -31.43 -1.43 9.51
CA ARG A 310 -31.14 -1.35 10.94
C ARG A 310 -29.68 -0.98 11.19
N VAL A 311 -28.76 -1.58 10.45
CA VAL A 311 -27.35 -1.22 10.60
C VAL A 311 -27.09 0.21 10.16
N ILE A 312 -27.65 0.61 9.01
CA ILE A 312 -27.53 2.01 8.58
C ILE A 312 -28.14 2.95 9.62
N ASN A 313 -29.29 2.58 10.18
CA ASN A 313 -29.90 3.42 11.21
C ASN A 313 -28.95 3.60 12.39
N HIS A 314 -28.38 2.51 12.90
CA HIS A 314 -27.49 2.61 14.05
C HIS A 314 -26.24 3.40 13.70
N LEU A 315 -25.67 3.14 12.53
CA LEU A 315 -24.45 3.85 12.13
C LEU A 315 -24.68 5.36 12.04
N LEU A 316 -25.81 5.78 11.46
CA LEU A 316 -26.12 7.21 11.37
C LEU A 316 -26.27 7.83 12.75
N LYS A 317 -26.90 7.11 13.69
CA LYS A 317 -27.00 7.60 15.05
C LYS A 317 -25.62 7.82 15.66
N LYS A 318 -24.76 6.79 15.60
CA LYS A 318 -23.44 6.91 16.20
C LYS A 318 -22.59 7.95 15.47
N PHE A 319 -22.74 8.03 14.14
CA PHE A 319 -22.01 9.04 13.38
C PHE A 319 -22.27 10.44 13.91
N LYS A 320 -23.53 10.77 14.20
CA LYS A 320 -23.82 12.13 14.67
C LYS A 320 -23.35 12.34 16.11
N GLU A 321 -23.42 11.32 16.95
CA GLU A 321 -22.82 11.44 18.27
C GLU A 321 -21.30 11.57 18.11
N GLY A 322 -20.70 12.47 18.88
CA GLY A 322 -19.27 12.73 18.80
C GLY A 322 -18.64 12.81 17.40
N SER B 4 30.25 14.57 -7.81
CA SER B 4 30.01 13.19 -8.20
C SER B 4 29.35 12.37 -7.08
N GLY B 5 29.85 12.51 -5.85
CA GLY B 5 29.27 11.87 -4.70
C GLY B 5 28.46 12.86 -3.87
N MET B 6 27.81 12.32 -2.83
CA MET B 6 27.01 13.17 -1.96
C MET B 6 27.86 14.26 -1.30
N ASP B 7 29.08 13.93 -0.87
CA ASP B 7 29.90 14.92 -0.17
C ASP B 7 30.16 16.15 -1.04
N GLU B 8 30.48 15.95 -2.32
CA GLU B 8 30.70 17.09 -3.20
C GLU B 8 29.44 17.91 -3.40
N ILE B 9 28.27 17.25 -3.49
CA ILE B 9 26.99 17.96 -3.63
C ILE B 9 26.75 18.82 -2.40
N VAL B 10 26.99 18.25 -1.22
CA VAL B 10 26.77 18.98 0.04
C VAL B 10 27.66 20.23 0.09
N LYS B 11 28.89 20.11 -0.40
CA LYS B 11 29.77 21.27 -0.45
C LYS B 11 29.26 22.31 -1.44
N VAL B 12 28.79 21.88 -2.61
CA VAL B 12 28.30 22.84 -3.61
C VAL B 12 27.06 23.57 -3.09
N LEU B 13 26.13 22.83 -2.48
CA LEU B 13 24.96 23.48 -1.90
C LEU B 13 25.35 24.49 -0.83
N SER B 14 26.34 24.14 -0.01
CA SER B 14 26.78 25.06 1.04
C SER B 14 27.40 26.32 0.46
N GLN B 15 28.06 26.20 -0.70
CA GLN B 15 28.76 27.32 -1.30
C GLN B 15 27.82 28.37 -1.89
N HIS B 16 26.58 28.00 -2.24
CA HIS B 16 25.70 28.90 -2.99
C HIS B 16 24.50 29.32 -2.15
N ASP B 17 24.03 30.54 -2.37
CA ASP B 17 22.92 31.09 -1.60
C ASP B 17 21.63 31.23 -2.37
N ARG B 18 21.66 31.67 -3.62
CA ARG B 18 20.45 31.88 -4.43
C ARG B 18 20.24 30.66 -5.31
N ILE B 19 19.34 29.78 -4.90
CA ILE B 19 19.21 28.45 -5.48
C ILE B 19 17.79 28.26 -6.02
N LEU B 20 17.69 27.74 -7.24
CA LEU B 20 16.42 27.29 -7.81
C LEU B 20 16.42 25.77 -7.87
N VAL B 21 15.45 25.15 -7.20
CA VAL B 21 15.27 23.70 -7.16
C VAL B 21 14.16 23.33 -8.15
N VAL B 22 14.45 22.43 -9.08
CA VAL B 22 13.48 22.08 -10.11
CA VAL B 22 13.54 22.07 -10.17
C VAL B 22 13.34 20.57 -10.19
N GLY B 23 12.08 20.13 -10.33
CA GLY B 23 11.75 18.73 -10.52
C GLY B 23 11.31 18.47 -11.94
N HIS B 24 10.86 17.25 -12.19
CA HIS B 24 10.51 16.86 -13.55
C HIS B 24 9.04 17.16 -13.88
N ILE B 25 8.80 17.38 -15.17
CA ILE B 25 7.43 17.54 -15.66
C ILE B 25 6.64 16.23 -15.44
N MET B 26 5.32 16.34 -15.52
CA MET B 26 4.42 15.28 -15.05
C MET B 26 4.86 14.81 -13.66
N PRO B 27 4.86 15.70 -12.67
CA PRO B 27 5.48 15.38 -11.38
C PRO B 27 4.71 14.27 -10.65
N ASP B 28 5.46 13.43 -9.95
CA ASP B 28 4.88 12.41 -9.08
C ASP B 28 5.26 12.75 -7.63
N GLY B 29 4.92 11.84 -6.71
CA GLY B 29 5.22 12.09 -5.31
C GLY B 29 6.69 12.28 -4.98
N ASP B 30 7.57 11.49 -5.62
CA ASP B 30 9.01 11.64 -5.37
C ASP B 30 9.52 13.00 -5.88
N CYS B 31 9.03 13.45 -7.04
CA CYS B 31 9.40 14.78 -7.53
C CYS B 31 8.95 15.86 -6.55
N VAL B 32 7.71 15.78 -6.09
CA VAL B 32 7.21 16.79 -5.13
C VAL B 32 7.96 16.70 -3.82
N SER B 33 8.13 15.48 -3.31
CA SER B 33 8.85 15.29 -2.05
C SER B 33 10.27 15.81 -2.14
N SER B 34 10.97 15.48 -3.22
CA SER B 34 12.38 15.86 -3.31
C SER B 34 12.53 17.36 -3.47
N VAL B 35 11.71 17.97 -4.33
CA VAL B 35 11.78 19.41 -4.53
C VAL B 35 11.53 20.14 -3.21
N LEU B 36 10.44 19.79 -2.52
CA LEU B 36 10.07 20.53 -1.31
C LEU B 36 11.01 20.25 -0.15
N SER B 37 11.40 18.97 0.04
CA SER B 37 12.31 18.65 1.15
C SER B 37 13.64 19.38 0.99
N LEU B 38 14.20 19.40 -0.22
CA LEU B 38 15.46 20.11 -0.42
C LEU B 38 15.27 21.62 -0.30
N THR B 39 14.23 22.17 -0.93
CA THR B 39 13.95 23.60 -0.83
C THR B 39 13.82 24.04 0.63
N LEU B 40 13.02 23.31 1.41
CA LEU B 40 12.82 23.68 2.82
C LEU B 40 14.10 23.51 3.62
N GLY B 41 14.88 22.47 3.33
CA GLY B 41 16.13 22.29 4.04
C GLY B 41 17.08 23.45 3.79
N LEU B 42 17.20 23.85 2.52
CA LEU B 42 18.08 24.97 2.17
C LEU B 42 17.57 26.27 2.77
N GLU B 43 16.25 26.47 2.81
CA GLU B 43 15.69 27.66 3.45
C GLU B 43 16.01 27.72 4.94
N LYS B 44 15.96 26.57 5.63
CA LYS B 44 16.30 26.56 7.05
C LYS B 44 17.74 26.96 7.29
N LEU B 45 18.61 26.77 6.31
CA LEU B 45 20.00 27.24 6.39
C LEU B 45 20.16 28.72 6.10
N GLY B 46 19.06 29.44 5.88
CA GLY B 46 19.14 30.85 5.58
C GLY B 46 19.40 31.18 4.12
N LYS B 47 19.28 30.22 3.21
CA LYS B 47 19.50 30.50 1.80
C LYS B 47 18.24 31.07 1.17
N GLU B 48 18.43 31.77 0.06
CA GLU B 48 17.34 32.32 -0.74
C GLU B 48 17.02 31.30 -1.81
N VAL B 49 15.85 30.68 -1.73
CA VAL B 49 15.52 29.50 -2.54
C VAL B 49 14.14 29.67 -3.16
N LYS B 50 13.98 29.18 -4.39
CA LYS B 50 12.67 29.01 -4.99
C LYS B 50 12.61 27.60 -5.57
N ALA B 51 11.39 27.12 -5.76
CA ALA B 51 11.11 25.77 -6.23
C ALA B 51 10.25 25.86 -7.48
N ALA B 52 10.49 24.98 -8.45
CA ALA B 52 9.71 25.08 -9.67
C ALA B 52 9.58 23.72 -10.37
N VAL B 53 8.41 23.53 -10.97
CA VAL B 53 8.13 22.41 -11.87
C VAL B 53 7.34 22.99 -13.04
N ASP B 54 7.74 22.66 -14.27
CA ASP B 54 7.07 23.23 -15.44
C ASP B 54 5.83 22.40 -15.81
N TYR B 55 4.86 22.36 -14.89
CA TYR B 55 3.71 21.48 -15.01
C TYR B 55 2.74 21.76 -13.88
N LYS B 56 1.46 21.49 -14.14
CA LYS B 56 0.47 21.62 -13.08
C LYS B 56 0.74 20.61 -11.97
N ILE B 57 0.71 21.08 -10.73
CA ILE B 57 0.84 20.18 -9.59
C ILE B 57 -0.49 19.44 -9.36
N PRO B 58 -0.49 18.11 -9.34
CA PRO B 58 -1.76 17.36 -9.20
C PRO B 58 -2.54 17.71 -7.94
N TYR B 59 -3.86 17.57 -8.03
CA TYR B 59 -4.70 17.97 -6.91
C TYR B 59 -4.43 17.15 -5.64
N VAL B 60 -3.97 15.91 -5.78
CA VAL B 60 -3.71 15.12 -4.57
C VAL B 60 -2.67 15.74 -3.66
N PHE B 61 -1.88 16.73 -4.12
CA PHE B 61 -0.89 17.35 -3.25
C PHE B 61 -1.37 18.62 -2.58
N GLU B 62 -2.63 19.04 -2.77
CA GLU B 62 -3.00 20.41 -2.43
C GLU B 62 -2.99 20.69 -0.93
N LYS B 63 -3.25 19.67 -0.10
CA LYS B 63 -3.23 19.87 1.34
C LYS B 63 -1.84 19.68 1.96
N PHE B 64 -0.82 19.32 1.17
CA PHE B 64 0.49 19.09 1.77
C PHE B 64 1.09 20.42 2.24
N PRO B 65 1.77 20.43 3.37
CA PRO B 65 2.37 21.68 3.85
C PRO B 65 3.38 22.19 2.83
N TYR B 66 3.36 23.51 2.63
CA TYR B 66 4.28 24.24 1.75
C TYR B 66 4.17 23.85 0.27
N ILE B 67 3.10 23.16 -0.15
CA ILE B 67 2.95 22.79 -1.56
C ILE B 67 2.98 24.02 -2.47
N ASP B 68 2.54 25.18 -1.96
CA ASP B 68 2.51 26.37 -2.80
C ASP B 68 3.90 26.94 -3.06
N LYS B 69 4.95 26.40 -2.42
CA LYS B 69 6.30 26.85 -2.71
C LYS B 69 6.76 26.42 -4.11
N ILE B 70 6.18 25.34 -4.65
CA ILE B 70 6.51 24.91 -6.00
C ILE B 70 5.78 25.82 -6.99
N GLU B 71 6.54 26.55 -7.80
CA GLU B 71 5.99 27.50 -8.76
C GLU B 71 6.08 26.94 -10.17
N GLU B 72 5.22 27.45 -11.03
CA GLU B 72 5.29 27.14 -12.45
C GLU B 72 6.04 28.20 -13.24
N ASN B 73 5.96 29.47 -12.84
CA ASN B 73 6.60 30.58 -13.53
C ASN B 73 7.38 31.44 -12.55
N PRO B 74 8.45 30.91 -11.97
CA PRO B 74 9.26 31.73 -11.05
C PRO B 74 9.94 32.88 -11.76
N ASN B 75 10.09 33.97 -11.04
CA ASN B 75 10.86 35.14 -11.47
C ASN B 75 12.09 35.16 -10.55
N PHE B 76 13.22 34.69 -11.04
CA PHE B 76 14.35 34.39 -10.17
C PHE B 76 15.63 34.55 -10.96
N ASP B 77 16.67 35.04 -10.28
CA ASP B 77 18.02 35.13 -10.81
C ASP B 77 18.96 34.23 -10.02
N PRO B 78 18.88 32.91 -10.18
CA PRO B 78 19.63 32.01 -9.29
C PRO B 78 21.13 32.00 -9.57
N GLU B 79 21.91 31.67 -8.52
CA GLU B 79 23.33 31.37 -8.68
C GLU B 79 23.57 29.90 -8.99
N LEU B 80 22.60 29.04 -8.67
CA LEU B 80 22.74 27.60 -8.80
C LEU B 80 21.38 26.99 -9.12
N LEU B 81 21.38 26.06 -10.06
CA LEU B 81 20.21 25.26 -10.40
C LEU B 81 20.41 23.87 -9.84
N VAL B 82 19.43 23.38 -9.08
CA VAL B 82 19.47 22.02 -8.55
C VAL B 82 18.32 21.25 -9.17
N VAL B 83 18.66 20.18 -9.88
CA VAL B 83 17.69 19.38 -10.62
C VAL B 83 17.56 18.02 -9.94
N VAL B 84 16.35 17.67 -9.49
CA VAL B 84 16.14 16.43 -8.71
C VAL B 84 15.17 15.52 -9.46
N ASP B 85 15.46 14.22 -9.43
CA ASP B 85 14.53 13.18 -9.87
C ASP B 85 14.30 13.21 -11.38
N ALA B 86 15.16 13.86 -12.14
CA ALA B 86 14.93 14.06 -13.57
C ALA B 86 16.12 13.51 -14.35
N SER B 87 15.85 12.56 -15.24
CA SER B 87 16.92 11.78 -15.86
C SER B 87 17.58 12.46 -17.07
N SER B 88 16.97 13.50 -17.63
CA SER B 88 17.56 14.16 -18.79
C SER B 88 17.04 15.59 -18.83
N PRO B 89 17.68 16.47 -19.60
CA PRO B 89 17.25 17.87 -19.64
C PRO B 89 15.81 18.05 -20.08
N ASP B 90 15.33 17.27 -21.05
CA ASP B 90 13.96 17.44 -21.52
C ASP B 90 12.95 17.19 -20.41
N ARG B 91 13.36 16.44 -19.39
CA ARG B 91 12.46 16.12 -18.30
C ARG B 91 12.13 17.31 -17.41
N ILE B 92 12.84 18.43 -17.50
CA ILE B 92 12.54 19.59 -16.68
C ILE B 92 11.87 20.71 -17.48
N GLY B 93 11.46 20.44 -18.72
CA GLY B 93 10.69 21.42 -19.47
C GLY B 93 11.51 22.65 -19.82
N LYS B 94 10.87 23.82 -19.69
CA LYS B 94 11.48 25.08 -20.11
C LYS B 94 12.68 25.45 -19.26
N PHE B 95 12.82 24.88 -18.06
CA PHE B 95 13.98 25.20 -17.24
C PHE B 95 15.27 24.62 -17.80
N GLN B 96 15.20 23.73 -18.78
CA GLN B 96 16.43 23.27 -19.41
C GLN B 96 17.18 24.39 -20.11
N ASP B 97 16.50 25.49 -20.46
CA ASP B 97 17.22 26.63 -21.04
C ASP B 97 18.16 27.29 -20.05
N LEU B 98 18.02 27.01 -18.76
CA LEU B 98 18.94 27.57 -17.78
C LEU B 98 20.25 26.80 -17.70
N LEU B 99 20.28 25.58 -18.24
CA LEU B 99 21.45 24.72 -18.06
C LEU B 99 22.69 25.29 -18.72
N ASP B 100 22.57 26.00 -19.82
CA ASP B 100 23.76 26.58 -20.41
C ASP B 100 24.11 27.93 -19.80
N LYS B 101 23.46 28.34 -18.71
CA LYS B 101 23.59 29.71 -18.22
C LYS B 101 23.88 29.74 -16.73
N VAL B 102 23.40 28.75 -15.99
CA VAL B 102 23.47 28.72 -14.55
C VAL B 102 24.17 27.43 -14.14
N PRO B 103 25.15 27.48 -13.24
CA PRO B 103 25.75 26.24 -12.74
C PRO B 103 24.69 25.32 -12.14
N SER B 104 24.83 24.02 -12.39
CA SER B 104 23.76 23.07 -12.10
C SER B 104 24.25 21.85 -11.33
N VAL B 105 23.42 21.41 -10.40
CA VAL B 105 23.59 20.18 -9.64
C VAL B 105 22.50 19.20 -10.06
N VAL B 106 22.86 17.94 -10.29
CA VAL B 106 21.89 16.88 -10.54
C VAL B 106 21.93 15.88 -9.39
N ILE B 107 20.76 15.60 -8.81
CA ILE B 107 20.56 14.56 -7.80
C ILE B 107 19.46 13.64 -8.29
N ASP B 108 19.79 12.35 -8.50
CA ASP B 108 18.82 11.51 -9.18
C ASP B 108 19.11 10.04 -8.89
N HIS B 109 18.12 9.19 -9.15
CA HIS B 109 18.27 7.76 -8.93
C HIS B 109 17.92 6.95 -10.17
N HIS B 110 17.90 7.57 -11.36
CA HIS B 110 17.69 6.85 -12.61
C HIS B 110 19.02 6.39 -13.20
N SER B 111 19.11 5.10 -13.53
CA SER B 111 20.33 4.58 -14.13
C SER B 111 20.65 5.25 -15.47
N THR B 112 19.63 5.70 -16.21
CA THR B 112 19.87 6.31 -17.50
C THR B 112 20.11 7.81 -17.44
N ASN B 113 20.37 8.35 -16.25
CA ASN B 113 20.65 9.78 -16.12
C ASN B 113 21.89 10.17 -16.93
N THR B 114 21.72 11.15 -17.82
CA THR B 114 22.77 11.58 -18.74
C THR B 114 23.85 12.42 -18.06
N ASN B 115 23.75 12.66 -16.76
CA ASN B 115 24.74 13.43 -15.98
C ASN B 115 24.95 14.81 -16.59
N PHE B 116 23.84 15.53 -16.74
CA PHE B 116 23.85 16.79 -17.47
C PHE B 116 24.13 17.99 -16.59
N GLY B 117 24.38 17.79 -15.29
CA GLY B 117 24.76 18.89 -14.41
C GLY B 117 26.26 19.15 -14.45
N ASN B 118 26.66 20.29 -13.88
CA ASN B 118 28.08 20.51 -13.62
C ASN B 118 28.57 19.59 -12.52
N TRP B 119 27.71 19.29 -11.56
CA TRP B 119 27.96 18.23 -10.59
C TRP B 119 26.78 17.26 -10.63
N ASN B 120 27.08 15.96 -10.53
CA ASN B 120 26.05 14.94 -10.66
C ASN B 120 26.21 13.92 -9.54
N TRP B 121 25.16 13.70 -8.76
CA TRP B 121 25.12 12.57 -7.83
C TRP B 121 23.96 11.67 -8.27
N VAL B 122 24.29 10.57 -8.94
CA VAL B 122 23.30 9.66 -9.51
C VAL B 122 23.53 8.28 -8.93
N ASP B 123 22.55 7.76 -8.19
CA ASP B 123 22.70 6.45 -7.55
C ASP B 123 21.40 5.68 -7.71
N PRO B 124 21.36 4.72 -8.64
CA PRO B 124 20.15 3.92 -8.86
C PRO B 124 19.85 2.90 -7.78
N SER B 125 20.72 2.72 -6.78
CA SER B 125 20.37 1.83 -5.66
C SER B 125 19.33 2.44 -4.73
N PHE B 126 19.08 3.74 -4.83
CA PHE B 126 18.01 4.34 -4.05
C PHE B 126 16.67 4.11 -4.74
N ALA B 127 15.66 3.78 -3.94
CA ALA B 127 14.30 3.62 -4.45
C ALA B 127 13.65 4.94 -4.78
N ALA B 128 14.08 6.03 -4.14
CA ALA B 128 13.48 7.34 -4.33
C ALA B 128 14.56 8.40 -4.21
N THR B 129 14.48 9.42 -5.08
CA THR B 129 15.37 10.58 -4.92
C THR B 129 15.19 11.20 -3.54
N ALA B 130 13.99 11.11 -2.97
CA ALA B 130 13.75 11.64 -1.63
C ALA B 130 14.71 11.05 -0.61
N GLN B 131 15.14 9.79 -0.80
CA GLN B 131 16.12 9.20 0.13
C GLN B 131 17.45 9.93 0.03
N MET B 132 17.81 10.38 -1.17
CA MET B 132 19.05 11.13 -1.36
C MET B 132 18.94 12.51 -0.73
N ILE B 133 17.80 13.18 -0.92
CA ILE B 133 17.57 14.49 -0.28
C ILE B 133 17.64 14.35 1.24
N PHE B 134 17.05 13.28 1.78
CA PHE B 134 17.11 13.02 3.23
C PHE B 134 18.55 13.06 3.73
N ARG B 135 19.44 12.32 3.04
CA ARG B 135 20.84 12.28 3.45
C ARG B 135 21.53 13.63 3.25
N ILE B 136 21.23 14.34 2.17
CA ILE B 136 21.82 15.66 1.96
C ILE B 136 21.43 16.61 3.09
N ASN B 137 20.12 16.65 3.42
CA ASN B 137 19.66 17.55 4.47
C ASN B 137 20.34 17.25 5.80
N LYS B 138 20.46 15.96 6.13
CA LYS B 138 21.12 15.59 7.37
C LYS B 138 22.59 16.00 7.36
N ALA B 139 23.28 15.82 6.23
CA ALA B 139 24.69 16.23 6.15
C ALA B 139 24.85 17.73 6.24
N LEU B 140 23.83 18.50 5.89
CA LEU B 140 23.85 19.95 6.02
C LEU B 140 23.46 20.43 7.41
N GLY B 141 23.07 19.54 8.31
CA GLY B 141 22.62 19.96 9.62
C GLY B 141 21.19 20.45 9.67
N VAL B 142 20.34 20.04 8.73
CA VAL B 142 18.94 20.51 8.74
C VAL B 142 18.17 19.81 9.84
N GLU B 143 17.54 20.60 10.71
CA GLU B 143 16.65 20.05 11.74
C GLU B 143 15.29 19.74 11.13
N TYR B 144 14.82 18.51 11.31
CA TYR B 144 13.53 18.09 10.79
C TYR B 144 12.44 18.38 11.81
N ASP B 145 11.35 18.99 11.37
CA ASP B 145 10.12 19.00 12.16
C ASP B 145 9.16 18.02 11.49
N SER B 146 7.96 17.88 12.05
CA SER B 146 7.08 16.84 11.53
C SER B 146 6.64 17.16 10.09
N ASN B 147 6.45 18.44 9.75
CA ASN B 147 6.08 18.79 8.38
C ASN B 147 7.17 18.37 7.39
N LEU B 148 8.44 18.69 7.70
CA LEU B 148 9.52 18.28 6.82
C LEU B 148 9.64 16.77 6.76
N ALA B 149 9.48 16.09 7.91
CA ALA B 149 9.50 14.63 7.90
C ALA B 149 8.40 14.09 7.00
N THR B 150 7.21 14.68 7.09
CA THR B 150 6.09 14.24 6.26
C THR B 150 6.39 14.43 4.78
N LEU B 151 6.96 15.59 4.42
CA LEU B 151 7.27 15.86 3.02
C LEU B 151 8.36 14.94 2.49
N ASN B 152 9.32 14.56 3.35
CA ASN B 152 10.39 13.68 2.90
C ASN B 152 9.90 12.23 2.81
N TYR B 153 9.03 11.83 3.74
CA TYR B 153 8.43 10.50 3.67
C TYR B 153 7.65 10.30 2.38
N LEU B 154 6.98 11.35 1.90
CA LEU B 154 6.11 11.24 0.73
C LEU B 154 6.78 10.51 -0.44
N GLY B 155 7.99 10.94 -0.80
CA GLY B 155 8.64 10.36 -1.98
C GLY B 155 9.07 8.93 -1.80
N ILE B 156 9.49 8.57 -0.60
CA ILE B 156 9.86 7.19 -0.31
C ILE B 156 8.63 6.30 -0.45
N ALA B 157 7.50 6.76 0.08
CA ALA B 157 6.26 6.00 -0.05
C ALA B 157 5.83 5.88 -1.51
N THR B 158 5.73 7.00 -2.24
CA THR B 158 5.15 6.89 -3.57
C THR B 158 6.05 6.11 -4.52
N ASP B 159 7.38 6.32 -4.46
CA ASP B 159 8.25 5.60 -5.39
C ASP B 159 8.37 4.11 -5.07
N THR B 160 8.01 3.67 -3.85
CA THR B 160 7.95 2.24 -3.55
C THR B 160 6.53 1.66 -3.64
N GLY B 161 5.57 2.44 -4.12
CA GLY B 161 4.18 1.99 -4.11
C GLY B 161 3.69 1.73 -2.70
N PHE B 162 4.06 2.58 -1.76
CA PHE B 162 3.78 2.39 -0.33
C PHE B 162 4.25 1.02 0.13
N PHE B 163 5.55 0.76 -0.14
CA PHE B 163 6.30 -0.36 0.42
C PHE B 163 5.87 -1.69 -0.18
N ARG B 164 5.48 -1.67 -1.44
CA ARG B 164 5.02 -2.85 -2.14
C ARG B 164 5.90 -3.26 -3.32
N HIS B 165 6.71 -2.36 -3.87
CA HIS B 165 7.44 -2.62 -5.10
C HIS B 165 8.78 -3.31 -4.80
N SER B 166 9.39 -3.83 -5.87
CA SER B 166 10.61 -4.62 -5.72
C SER B 166 11.76 -3.80 -5.16
N ASN B 167 11.65 -2.46 -5.20
CA ASN B 167 12.67 -1.59 -4.64
C ASN B 167 12.51 -1.32 -3.15
N ALA B 168 11.51 -1.92 -2.48
CA ALA B 168 11.26 -1.66 -1.07
C ALA B 168 12.18 -2.56 -0.25
N ASP B 169 13.43 -2.13 -0.13
CA ASP B 169 14.46 -2.93 0.53
C ASP B 169 14.67 -2.42 1.95
N VAL B 170 15.70 -2.93 2.62
CA VAL B 170 15.89 -2.64 4.03
C VAL B 170 16.17 -1.15 4.25
N ARG B 171 16.96 -0.54 3.35
CA ARG B 171 17.27 0.88 3.51
C ARG B 171 16.00 1.73 3.35
N VAL B 172 15.08 1.32 2.46
CA VAL B 172 13.79 2.01 2.35
C VAL B 172 13.04 1.96 3.68
N PHE B 173 12.93 0.76 4.26
CA PHE B 173 12.19 0.63 5.51
C PHE B 173 12.89 1.36 6.64
N GLU B 174 14.23 1.34 6.65
CA GLU B 174 14.97 2.08 7.66
C GLU B 174 14.68 3.58 7.55
N ASP B 175 14.73 4.12 6.33
CA ASP B 175 14.45 5.54 6.13
C ASP B 175 13.03 5.90 6.59
N ALA B 176 12.04 5.07 6.22
CA ALA B 176 10.66 5.36 6.62
C ALA B 176 10.52 5.33 8.14
N TYR B 177 11.14 4.33 8.77
CA TYR B 177 11.15 4.25 10.22
C TYR B 177 11.72 5.52 10.83
N LYS B 178 12.86 5.98 10.32
CA LYS B 178 13.49 7.19 10.88
C LYS B 178 12.60 8.41 10.68
N LEU B 179 11.93 8.52 9.53
CA LEU B 179 11.11 9.70 9.27
C LEU B 179 9.85 9.68 10.12
N VAL B 180 9.24 8.50 10.28
CA VAL B 180 8.07 8.41 11.14
C VAL B 180 8.45 8.71 12.57
N LYS B 181 9.63 8.24 13.01
CA LYS B 181 10.09 8.57 14.34
C LYS B 181 10.23 10.07 14.52
N MET B 182 10.58 10.79 13.45
CA MET B 182 10.72 12.25 13.46
C MET B 182 9.39 12.97 13.26
N GLY B 183 8.28 12.26 13.18
CA GLY B 183 6.97 12.86 13.10
C GLY B 183 6.27 12.81 11.76
N ALA B 184 6.83 12.09 10.77
CA ALA B 184 6.18 12.00 9.46
C ALA B 184 4.77 11.43 9.61
N ASP B 185 3.78 12.10 9.02
CA ASP B 185 2.40 11.65 9.15
C ASP B 185 2.10 10.66 8.04
N ALA B 186 2.39 9.38 8.31
CA ALA B 186 2.26 8.36 7.28
C ALA B 186 0.81 8.17 6.86
N HIS B 187 -0.13 8.33 7.80
CA HIS B 187 -1.54 8.19 7.45
C HIS B 187 -2.02 9.33 6.58
N PHE B 188 -1.62 10.57 6.91
CA PHE B 188 -1.96 11.71 6.06
C PHE B 188 -1.49 11.49 4.62
N VAL B 189 -0.26 11.00 4.45
CA VAL B 189 0.27 10.83 3.10
C VAL B 189 -0.51 9.77 2.32
N ALA B 190 -0.80 8.63 2.97
CA ALA B 190 -1.58 7.59 2.29
C ALA B 190 -2.97 8.07 1.93
N LYS B 191 -3.63 8.76 2.86
CA LYS B 191 -4.99 9.24 2.62
C LYS B 191 -5.03 10.20 1.43
N GLU B 192 -4.10 11.15 1.39
CA GLU B 192 -4.14 12.16 0.32
C GLU B 192 -3.75 11.58 -1.02
N ILE B 193 -2.82 10.62 -1.05
CA ILE B 193 -2.37 10.06 -2.32
C ILE B 193 -3.30 8.95 -2.78
N LEU B 194 -3.73 8.07 -1.87
CA LEU B 194 -4.41 6.84 -2.23
C LEU B 194 -5.91 6.84 -1.98
N GLU B 195 -6.42 7.75 -1.17
CA GLU B 195 -7.83 7.69 -0.77
C GLU B 195 -8.49 9.01 -1.08
N ASN B 196 -8.19 9.51 -2.28
CA ASN B 196 -8.55 10.83 -2.74
C ASN B 196 -9.16 10.75 -4.13
N LYS B 197 -9.90 9.67 -4.40
CA LYS B 197 -10.42 9.40 -5.74
C LYS B 197 -11.72 10.13 -6.00
N ARG B 198 -11.77 10.85 -7.11
CA ARG B 198 -13.04 11.31 -7.63
C ARG B 198 -13.83 10.11 -8.11
N PHE B 199 -15.14 10.12 -7.85
CA PHE B 199 -15.95 8.98 -8.27
C PHE B 199 -15.91 8.78 -9.78
N GLU B 200 -15.66 9.86 -10.53
CA GLU B 200 -15.57 9.77 -11.99
C GLU B 200 -14.45 8.82 -12.44
N GLN B 201 -13.42 8.61 -11.61
CA GLN B 201 -12.33 7.73 -12.02
C GLN B 201 -12.83 6.31 -12.25
N PHE B 202 -13.88 5.88 -11.55
CA PHE B 202 -14.36 4.51 -11.68
C PHE B 202 -14.94 4.25 -13.07
N LYS B 203 -15.76 5.17 -13.58
CA LYS B 203 -16.30 4.99 -14.93
C LYS B 203 -15.20 5.08 -15.98
N LEU B 204 -14.24 6.00 -15.78
CA LEU B 204 -13.08 6.05 -16.68
C LEU B 204 -12.34 4.74 -16.71
N PHE B 205 -12.15 4.11 -15.55
CA PHE B 205 -11.39 2.86 -15.52
C PHE B 205 -12.20 1.72 -16.16
N ALA B 206 -13.52 1.73 -16.02
CA ALA B 206 -14.33 0.75 -16.72
C ALA B 206 -14.13 0.86 -18.23
N GLU B 207 -13.98 2.07 -18.75
CA GLU B 207 -13.68 2.24 -20.16
C GLU B 207 -12.30 1.67 -20.49
N VAL B 208 -11.35 1.81 -19.56
CA VAL B 208 -10.02 1.22 -19.74
C VAL B 208 -10.13 -0.30 -19.81
N LEU B 209 -10.91 -0.89 -18.91
CA LEU B 209 -11.08 -2.34 -18.90
C LEU B 209 -11.72 -2.82 -20.20
N GLU B 210 -12.71 -2.08 -20.70
CA GLU B 210 -13.40 -2.51 -21.92
C GLU B 210 -12.47 -2.57 -23.11
N ARG B 211 -11.47 -1.68 -23.16
CA ARG B 211 -10.53 -1.64 -24.26
C ARG B 211 -9.33 -2.56 -24.05
N LEU B 212 -9.28 -3.30 -22.94
CA LEU B 212 -8.10 -4.08 -22.59
C LEU B 212 -7.79 -5.15 -23.64
N GLN B 213 -6.54 -5.18 -24.09
CA GLN B 213 -6.04 -6.24 -24.95
C GLN B 213 -5.05 -7.10 -24.18
N LEU B 214 -5.07 -8.40 -24.44
CA LEU B 214 -4.13 -9.32 -23.84
C LEU B 214 -3.28 -9.97 -24.93
N LEU B 215 -2.01 -10.22 -24.61
CA LEU B 215 -1.10 -10.93 -25.49
C LEU B 215 -0.34 -11.96 -24.67
N GLU B 216 0.23 -12.94 -25.37
CA GLU B 216 1.09 -13.97 -24.76
C GLU B 216 0.41 -14.67 -23.59
N ASN B 217 -0.66 -15.40 -23.90
CA ASN B 217 -1.39 -16.18 -22.90
C ASN B 217 -1.77 -15.33 -21.68
N GLY B 218 -2.06 -14.05 -21.91
CA GLY B 218 -2.49 -13.17 -20.85
C GLY B 218 -1.39 -12.51 -20.04
N LYS B 219 -0.13 -12.65 -20.45
CA LYS B 219 0.97 -12.08 -19.67
C LYS B 219 1.23 -10.62 -19.98
N ILE B 220 0.77 -10.12 -21.13
CA ILE B 220 0.89 -8.73 -21.52
C ILE B 220 -0.50 -8.14 -21.58
N ALA B 221 -0.72 -7.02 -20.89
CA ALA B 221 -2.00 -6.34 -20.86
C ALA B 221 -1.81 -4.87 -21.25
N TYR B 222 -2.62 -4.39 -22.19
CA TYR B 222 -2.53 -2.97 -22.52
C TYR B 222 -3.89 -2.39 -22.88
N SER B 223 -4.02 -1.08 -22.65
CA SER B 223 -5.23 -0.35 -22.94
C SER B 223 -4.85 1.10 -23.27
N TYR B 224 -5.86 1.93 -23.55
CA TYR B 224 -5.59 3.30 -23.92
C TYR B 224 -6.73 4.21 -23.51
N ILE B 225 -6.39 5.48 -23.22
CA ILE B 225 -7.38 6.55 -23.06
C ILE B 225 -7.05 7.65 -24.06
N ASP B 226 -7.92 7.84 -25.04
CA ASP B 226 -7.82 8.99 -25.93
C ASP B 226 -8.28 10.25 -25.20
N TYR B 227 -7.88 11.41 -25.74
CA TYR B 227 -8.20 12.69 -25.10
C TYR B 227 -9.71 12.90 -25.01
N ASP B 228 -10.45 12.60 -26.08
CA ASP B 228 -11.90 12.77 -26.04
C ASP B 228 -12.55 11.93 -24.95
N THR B 229 -11.97 10.77 -24.64
CA THR B 229 -12.51 9.94 -23.56
C THR B 229 -12.25 10.56 -22.20
N TYR B 230 -11.10 11.20 -22.01
CA TYR B 230 -10.87 11.99 -20.81
C TYR B 230 -11.97 13.04 -20.66
N LEU B 231 -12.19 13.84 -21.71
CA LEU B 231 -13.16 14.92 -21.61
C LEU B 231 -14.58 14.40 -21.40
N ARG B 232 -14.97 13.35 -22.13
CA ARG B 232 -16.30 12.78 -21.97
C ARG B 232 -16.59 12.39 -20.53
N HIS B 233 -15.56 11.96 -19.78
CA HIS B 233 -15.71 11.53 -18.39
C HIS B 233 -15.37 12.64 -17.40
N ASN B 234 -15.20 13.88 -17.85
CA ASN B 234 -14.82 15.00 -17.00
C ASN B 234 -13.57 14.65 -16.19
N CYS B 235 -12.58 14.09 -16.89
CA CYS B 235 -11.37 13.60 -16.25
C CYS B 235 -10.14 14.17 -16.92
N THR B 236 -9.01 13.91 -16.30
CA THR B 236 -7.72 14.47 -16.65
C THR B 236 -6.71 13.34 -16.42
N ASP B 237 -5.49 13.51 -16.91
CA ASP B 237 -4.46 12.52 -16.58
C ASP B 237 -4.22 12.42 -15.07
N GLU B 238 -4.66 13.40 -14.28
CA GLU B 238 -4.59 13.20 -12.83
C GLU B 238 -5.51 12.07 -12.37
N ASP B 239 -6.57 11.80 -13.12
CA ASP B 239 -7.53 10.78 -12.72
C ASP B 239 -7.09 9.37 -13.08
N SER B 240 -6.19 9.21 -14.04
CA SER B 240 -5.76 7.91 -14.49
C SER B 240 -4.48 7.44 -13.80
N ALA B 241 -3.99 8.19 -12.82
CA ALA B 241 -2.63 8.03 -12.31
C ALA B 241 -2.33 6.63 -11.80
N GLY B 242 -3.30 5.96 -11.18
CA GLY B 242 -3.06 4.64 -10.66
C GLY B 242 -3.54 3.50 -11.53
N PHE B 243 -3.97 3.78 -12.76
CA PHE B 243 -4.64 2.76 -13.56
C PHE B 243 -3.67 1.67 -14.02
N VAL B 244 -2.48 2.04 -14.47
CA VAL B 244 -1.57 1.02 -15.00
C VAL B 244 -1.19 0.05 -13.89
N GLY B 245 -1.06 0.52 -12.66
CA GLY B 245 -0.84 -0.38 -11.54
C GLY B 245 -2.02 -1.29 -11.27
N GLU B 246 -3.24 -0.79 -11.53
CA GLU B 246 -4.42 -1.65 -11.38
C GLU B 246 -4.44 -2.73 -12.43
N LEU B 247 -3.99 -2.42 -13.66
CA LEU B 247 -3.91 -3.44 -14.70
C LEU B 247 -2.87 -4.51 -14.34
N ARG B 248 -1.73 -4.10 -13.78
CA ARG B 248 -0.74 -5.09 -13.39
C ARG B 248 -1.26 -5.99 -12.27
N SER B 249 -2.21 -5.49 -11.47
CA SER B 249 -2.70 -6.31 -10.35
C SER B 249 -3.58 -7.47 -10.80
N ILE B 250 -3.86 -7.58 -12.11
CA ILE B 250 -4.65 -8.69 -12.62
C ILE B 250 -3.83 -9.98 -12.56
N ARG B 251 -4.47 -11.06 -12.10
CA ARG B 251 -3.77 -12.32 -11.92
C ARG B 251 -3.16 -12.79 -13.24
N GLY B 252 -1.89 -13.19 -13.20
CA GLY B 252 -1.22 -13.74 -14.35
C GLY B 252 -0.62 -12.71 -15.29
N VAL B 253 -0.90 -11.43 -15.11
CA VAL B 253 -0.31 -10.40 -15.95
C VAL B 253 1.13 -10.16 -15.50
N GLU B 254 2.06 -10.19 -16.45
CA GLU B 254 3.45 -9.85 -16.13
C GLU B 254 3.80 -8.41 -16.47
N VAL B 255 3.26 -7.84 -17.54
CA VAL B 255 3.54 -6.45 -17.86
C VAL B 255 2.25 -5.76 -18.32
N ALA B 256 1.99 -4.59 -17.75
CA ALA B 256 0.83 -3.78 -18.10
C ALA B 256 1.31 -2.51 -18.77
N VAL B 257 0.59 -2.08 -19.81
CA VAL B 257 0.94 -0.88 -20.55
C VAL B 257 -0.32 -0.05 -20.71
N LEU B 258 -0.23 1.24 -20.39
CA LEU B 258 -1.37 2.15 -20.55
C LEU B 258 -0.94 3.35 -21.39
N PHE B 259 -1.65 3.58 -22.50
CA PHE B 259 -1.43 4.71 -23.39
C PHE B 259 -2.45 5.80 -23.06
N MET B 260 -1.99 7.02 -22.78
CA MET B 260 -2.89 8.08 -22.33
C MET B 260 -2.64 9.35 -23.13
N GLU B 261 -3.68 9.84 -23.82
CA GLU B 261 -3.58 11.03 -24.66
C GLU B 261 -4.11 12.21 -23.86
N PHE B 262 -3.20 13.05 -23.35
CA PHE B 262 -3.61 14.24 -22.61
C PHE B 262 -2.49 15.26 -22.48
N PRO B 263 -2.68 16.48 -23.00
CA PRO B 263 -3.88 16.84 -23.77
C PRO B 263 -3.84 16.30 -25.21
N ARG B 264 -4.63 16.90 -26.10
CA ARG B 264 -4.75 16.39 -27.45
C ARG B 264 -3.38 16.36 -28.13
N GLY B 265 -3.03 15.20 -28.69
CA GLY B 265 -1.78 15.03 -29.39
C GLY B 265 -0.59 14.63 -28.55
N LYS B 266 -0.69 14.66 -27.22
CA LYS B 266 0.39 14.22 -26.35
C LYS B 266 0.02 12.87 -25.77
N ILE B 267 0.82 11.84 -26.05
CA ILE B 267 0.52 10.49 -25.63
C ILE B 267 1.62 9.99 -24.70
N HIS B 268 1.27 9.76 -23.44
CA HIS B 268 2.16 9.13 -22.48
C HIS B 268 1.82 7.66 -22.38
N VAL B 269 2.85 6.82 -22.32
CA VAL B 269 2.63 5.38 -22.18
C VAL B 269 3.38 4.91 -20.94
N SER B 270 2.63 4.35 -20.01
CA SER B 270 3.14 3.85 -18.74
C SER B 270 3.28 2.35 -18.85
N MET B 271 4.41 1.84 -18.36
CA MET B 271 4.69 0.40 -18.36
C MET B 271 5.02 -0.04 -16.94
N ARG B 272 4.40 -1.13 -16.51
CA ARG B 272 4.63 -1.70 -15.19
C ARG B 272 4.76 -3.21 -15.35
N SER B 273 5.81 -3.79 -14.77
CA SER B 273 5.98 -5.23 -14.79
C SER B 273 6.03 -5.77 -13.37
N LYS B 274 5.86 -7.09 -13.24
CA LYS B 274 5.58 -7.73 -11.96
C LYS B 274 6.75 -8.54 -11.42
N ASP B 275 7.19 -9.58 -12.13
CA ASP B 275 8.16 -10.53 -11.57
C ASP B 275 9.55 -10.39 -12.19
N TRP B 276 9.67 -10.20 -13.51
CA TRP B 276 11.01 -10.29 -14.10
C TRP B 276 11.30 -9.37 -15.28
N PHE B 277 10.27 -8.98 -16.04
CA PHE B 277 10.51 -8.32 -17.32
C PHE B 277 10.99 -6.87 -17.12
N ASN B 278 12.13 -6.53 -17.74
CA ASN B 278 12.67 -5.17 -17.61
C ASN B 278 11.92 -4.24 -18.57
N VAL B 279 11.05 -3.39 -18.03
CA VAL B 279 10.38 -2.42 -18.89
C VAL B 279 11.24 -1.17 -19.11
N ASN B 280 12.25 -0.95 -18.26
CA ASN B 280 13.13 0.20 -18.45
C ASN B 280 13.88 0.08 -19.78
N GLU B 281 14.28 -1.13 -20.15
CA GLU B 281 14.99 -1.30 -21.41
C GLU B 281 14.08 -1.00 -22.60
N VAL B 282 12.80 -1.38 -22.51
CA VAL B 282 11.85 -1.06 -23.56
C VAL B 282 11.65 0.44 -23.66
N ALA B 283 11.33 1.09 -22.54
CA ALA B 283 11.14 2.53 -22.53
C ALA B 283 12.38 3.27 -22.99
N PHE B 284 13.55 2.84 -22.51
CA PHE B 284 14.81 3.50 -22.86
C PHE B 284 15.02 3.51 -24.37
N GLU B 285 14.85 2.34 -25.01
CA GLU B 285 15.04 2.26 -26.45
C GLU B 285 14.00 3.05 -27.23
N LEU B 286 12.83 3.30 -26.63
CA LEU B 286 11.81 4.10 -27.28
C LEU B 286 11.98 5.59 -27.05
N GLY B 287 13.00 6.01 -26.29
CA GLY B 287 13.23 7.40 -26.01
C GLY B 287 12.79 7.86 -24.64
N GLY B 288 12.36 6.94 -23.78
CA GLY B 288 11.97 7.29 -22.42
C GLY B 288 12.94 6.73 -21.40
N GLY B 289 12.42 6.32 -20.26
CA GLY B 289 13.27 5.73 -19.24
C GLY B 289 12.45 5.36 -18.02
N GLY B 290 13.18 5.04 -16.94
CA GLY B 290 12.55 4.69 -15.70
C GLY B 290 13.35 3.64 -14.94
N HIS B 291 12.68 2.57 -14.54
CA HIS B 291 13.22 1.58 -13.63
C HIS B 291 12.81 0.20 -14.14
N PRO B 292 13.50 -0.86 -13.71
CA PRO B 292 13.23 -2.19 -14.29
C PRO B 292 11.78 -2.62 -14.23
N ARG B 293 11.03 -2.22 -13.20
CA ARG B 293 9.63 -2.61 -13.06
C ARG B 293 8.63 -1.48 -13.35
N ALA B 294 9.10 -0.26 -13.60
CA ALA B 294 8.20 0.87 -13.88
C ALA B 294 8.90 1.87 -14.77
N ALA B 295 8.33 2.15 -15.94
CA ALA B 295 9.00 2.97 -16.93
C ALA B 295 7.96 3.62 -17.83
N GLY B 296 8.37 4.69 -18.52
CA GLY B 296 7.46 5.41 -19.37
C GLY B 296 8.15 6.11 -20.51
N VAL B 297 7.36 6.46 -21.52
CA VAL B 297 7.83 7.27 -22.64
C VAL B 297 6.66 8.14 -23.10
N THR B 298 6.98 9.36 -23.53
CA THR B 298 5.99 10.32 -23.98
C THR B 298 6.25 10.67 -25.44
N PHE B 299 5.19 10.65 -26.24
CA PHE B 299 5.23 11.04 -27.64
C PHE B 299 4.36 12.28 -27.85
N GLU B 300 4.79 13.13 -28.77
CA GLU B 300 4.07 14.37 -29.07
C GLU B 300 3.85 14.50 -30.56
N GLY B 301 2.62 14.86 -30.92
CA GLY B 301 2.27 15.09 -32.30
C GLY B 301 2.04 13.82 -33.07
N LYS B 302 1.86 12.70 -32.38
CA LYS B 302 1.63 11.44 -33.05
C LYS B 302 0.22 10.95 -32.80
N LYS B 303 -0.23 10.04 -33.66
CA LYS B 303 -1.59 9.53 -33.57
C LYS B 303 -1.59 8.18 -32.85
N ILE B 304 -2.58 8.00 -31.97
CA ILE B 304 -2.60 6.84 -31.09
C ILE B 304 -2.56 5.55 -31.90
N GLU B 305 -3.24 5.53 -33.04
CA GLU B 305 -3.21 4.35 -33.91
C GLU B 305 -1.81 4.01 -34.39
N GLU B 306 -0.90 4.98 -34.34
CA GLU B 306 0.50 4.78 -34.70
C GLU B 306 1.39 4.49 -33.51
N VAL B 307 1.04 4.99 -32.34
CA VAL B 307 1.86 4.79 -31.15
C VAL B 307 1.74 3.37 -30.63
N ILE B 308 0.51 2.85 -30.55
CA ILE B 308 0.29 1.51 -29.98
C ILE B 308 1.11 0.44 -30.72
N PRO B 309 1.02 0.32 -32.05
CA PRO B 309 1.88 -0.69 -32.73
C PRO B 309 3.36 -0.52 -32.43
N ARG B 310 3.89 0.70 -32.54
CA ARG B 310 5.32 0.90 -32.33
C ARG B 310 5.74 0.43 -30.94
N VAL B 311 4.97 0.78 -29.92
CA VAL B 311 5.36 0.42 -28.56
C VAL B 311 5.16 -1.07 -28.33
N ILE B 312 3.97 -1.59 -28.67
CA ILE B 312 3.63 -2.96 -28.33
C ILE B 312 4.49 -3.94 -29.13
N ASN B 313 4.77 -3.62 -30.39
CA ASN B 313 5.62 -4.51 -31.20
C ASN B 313 7.02 -4.60 -30.60
N HIS B 314 7.61 -3.45 -30.25
CA HIS B 314 8.92 -3.46 -29.62
C HIS B 314 8.86 -4.18 -28.27
N LEU B 315 7.85 -3.88 -27.47
CA LEU B 315 7.66 -4.59 -26.19
C LEU B 315 7.58 -6.09 -26.41
N LEU B 316 6.75 -6.52 -27.35
CA LEU B 316 6.55 -7.95 -27.56
C LEU B 316 7.83 -8.61 -28.02
N LYS B 317 8.58 -7.95 -28.92
CA LYS B 317 9.87 -8.48 -29.33
C LYS B 317 10.78 -8.73 -28.13
N LYS B 318 10.97 -7.70 -27.30
CA LYS B 318 11.85 -7.87 -26.13
C LYS B 318 11.29 -8.89 -25.16
N PHE B 319 9.96 -8.93 -25.01
CA PHE B 319 9.35 -9.87 -24.07
C PHE B 319 9.63 -11.32 -24.47
N LYS B 320 9.50 -11.61 -25.77
CA LYS B 320 9.80 -12.96 -26.25
C LYS B 320 11.28 -13.29 -26.07
N GLU B 321 12.17 -12.33 -26.32
CA GLU B 321 13.59 -12.56 -26.10
C GLU B 321 13.89 -12.83 -24.63
N GLY B 322 13.15 -12.19 -23.74
CA GLY B 322 13.37 -12.41 -22.31
C GLY B 322 12.96 -13.81 -21.87
N VAL B 323 11.85 -14.32 -22.41
CA VAL B 323 11.43 -15.67 -22.08
C VAL B 323 12.48 -16.70 -22.48
N GLU B 324 13.44 -16.32 -23.31
CA GLU B 324 14.50 -17.23 -23.74
C GLU B 324 15.83 -16.99 -23.02
MN MN C . -7.54 -10.77 11.92
MN MN D . -5.47 -8.56 13.70
MN MN E . -9.16 -7.61 13.86
P AMP F . -13.72 -7.22 8.11
O1P AMP F . -13.14 -7.13 6.71
O2P AMP F . -14.26 -8.58 8.44
O3P AMP F . -14.60 -6.09 8.52
O5' AMP F . -12.41 -7.14 9.03
C5' AMP F . -11.94 -5.94 9.64
C4' AMP F . -11.92 -6.08 11.16
O4' AMP F . -13.25 -6.29 11.61
C3' AMP F . -11.10 -7.28 11.61
O3' AMP F . -9.80 -6.88 12.08
C2' AMP F . -11.95 -7.93 12.69
O2' AMP F . -11.40 -7.74 13.99
C1' AMP F . -13.28 -7.23 12.69
N9 AMP F . -14.38 -8.19 12.51
C8 AMP F . -14.84 -8.62 11.33
N7 AMP F . -15.85 -9.50 11.50
C5 AMP F . -16.07 -9.63 12.81
C6 AMP F . -17.01 -10.41 13.65
N6 AMP F . -17.93 -11.23 13.09
N1 AMP F . -16.91 -10.27 14.99
C2 AMP F . -15.98 -9.47 15.54
N3 AMP F . -15.11 -8.74 14.83
C4 AMP F . -15.10 -8.78 13.48
MN MN G . 9.63 10.96 -10.29
MN MN H . 11.88 9.02 -8.34
MN MN I . 11.43 7.59 -11.66
CA CA J . 14.07 11.28 -24.87
P AMP K . 5.19 6.33 -15.74
O1P AMP K . 4.84 5.82 -17.09
O2P AMP K . 5.60 7.79 -15.69
O3P AMP K . 4.17 5.98 -14.68
O5' AMP K . 6.51 5.52 -15.36
C5' AMP K . 7.05 5.54 -14.04
C4' AMP K . 8.50 5.96 -14.07
O4' AMP K . 8.94 5.96 -15.44
C3' AMP K . 8.79 7.37 -13.58
O3' AMP K . 8.97 7.42 -12.16
C2' AMP K . 10.02 7.80 -14.38
O2' AMP K . 11.21 7.39 -13.73
C1' AMP K . 9.87 7.00 -15.66
N9 AMP K . 9.39 7.81 -16.80
C8 AMP K . 8.09 8.03 -17.07
N7 AMP K . 7.94 8.78 -18.19
C5 AMP K . 9.17 9.05 -18.65
C6 AMP K . 9.70 9.81 -19.80
N6 AMP K . 8.85 10.42 -20.67
N1 AMP K . 11.04 9.85 -19.96
C2 AMP K . 11.87 9.23 -19.09
N3 AMP K . 11.44 8.53 -18.02
C4 AMP K . 10.13 8.41 -17.75
C1 EDO L . -9.63 12.10 2.11
O1 EDO L . -10.83 11.61 1.49
C2 EDO L . -8.69 12.74 1.10
O2 EDO L . -8.36 14.08 1.50
#